data_7U5B
#
_entry.id   7U5B
#
_cell.length_a   83.686
_cell.length_b   283.624
_cell.length_c   295.575
_cell.angle_alpha   90.000
_cell.angle_beta   90.000
_cell.angle_gamma   90.000
#
_symmetry.space_group_name_H-M   'F 2 2 2'
#
loop_
_entity.id
_entity.type
_entity.pdbx_description
1 polymer 'anti-KLK5 Fab Heavy Chain'
2 polymer 'anti-KLK5 Fab Light Chain'
3 polymer Kallikrein-5
4 non-polymer 'SULFATE ION'
5 water water
#
loop_
_entity_poly.entity_id
_entity_poly.type
_entity_poly.pdbx_seq_one_letter_code
_entity_poly.pdbx_strand_id
1 'polypeptide(L)'
;EVQLVESGGGLVQPGGSLRLSCAASGFSLSSYGVTWVRQAPGKGLEWIGYITSNYGVSYYASWAKSRSTISRDTSKNTVY
LQMGSLRAEDMAVYYCARENPDYGYAYDAWGQGTTVTVSSASTKGPSVFPLAPSSKSTSGGTAALGCLVKDYFPEPVTVS
WNSGALTSGVHTFPAVLQSSGLYSLSSVVTVPSSSLGTQTYICNVNHKPSNTKVDKKVEPKSCD
;
A,H
2 'polypeptide(L)'
;AIRMTQSPSSFSASTGDRVTITCQASESISNELSWYQQKPGKAPKLLIYYASTLASGVPSRFSGSGSGTDFTLTISSLQP
EDFATYYCAQGFGSSGVENVFGGGTKVEIKRTVAAPSVFIFPPSDEQLKSGTASVVCLLNNFYPREAKVQWKVDNALQSG
NSQESVTEQDSKDSTYSLSSTLTLSKADYEKHKVYACEVTHQGLSSPVTKSFNRGEC
;
B,L
3 'polypeptide(L)'
;IINGSDCDMHTQPWQAALLLRPNQLYCGAVLVHPQWLLTAAHCRKKVFRVRLGHYSLSPVYESGQQMFQGVKSIPHPGYS
HPGHSNDLMLIKLNRRIRPTKDVRPINVSSHCPSAGTKCLVSGWGTTKSPQVHFPKVLQCLNISVLSQKRCEDAYPRQID
DTMFCAGDKAGRDSCQGDSGGPVVCNGSLQGLVSWGDYPCARPNRPGVYTNLCKFTKWIQETIQANS
;
J,I
#
# COMPACT_ATOMS: atom_id res chain seq x y z
N GLU A 1 -2.30 -27.56 13.71
CA GLU A 1 -1.47 -26.59 14.42
C GLU A 1 -1.73 -25.21 13.84
N VAL A 2 -1.86 -24.19 14.68
CA VAL A 2 -1.89 -22.84 14.15
C VAL A 2 -0.45 -22.36 14.00
N GLN A 3 -0.15 -21.76 12.86
CA GLN A 3 1.21 -21.34 12.58
C GLN A 3 1.16 -20.13 11.66
N LEU A 4 2.05 -19.19 11.96
CA LEU A 4 2.26 -17.99 11.16
C LEU A 4 3.73 -17.99 10.81
N VAL A 5 4.03 -18.09 9.52
CA VAL A 5 5.40 -18.12 9.04
C VAL A 5 5.65 -16.84 8.29
N GLU A 6 6.70 -16.12 8.67
CA GLU A 6 6.97 -14.82 8.07
C GLU A 6 8.12 -14.94 7.08
N SER A 7 8.13 -14.02 6.13
CA SER A 7 9.20 -13.95 5.16
C SER A 7 9.32 -12.53 4.66
N GLY A 8 10.50 -12.22 4.11
CA GLY A 8 10.68 -10.97 3.42
C GLY A 8 11.55 -9.98 4.12
N GLY A 9 12.02 -10.30 5.35
CA GLY A 9 12.88 -9.40 6.08
C GLY A 9 14.32 -9.59 5.67
N GLY A 10 14.97 -8.49 5.32
CA GLY A 10 16.34 -8.53 4.89
C GLY A 10 16.99 -7.17 5.01
N LEU A 11 18.06 -6.99 4.26
CA LEU A 11 18.80 -5.75 4.25
C LEU A 11 18.17 -4.81 3.21
N VAL A 12 17.65 -3.67 3.67
CA VAL A 12 17.04 -2.66 2.80
C VAL A 12 17.84 -1.38 2.98
N GLN A 13 18.13 -0.69 1.89
CA GLN A 13 18.88 0.57 2.01
C GLN A 13 17.91 1.68 2.35
N PRO A 14 18.41 2.79 2.91
CA PRO A 14 17.52 3.92 3.25
C PRO A 14 16.72 4.43 2.05
N GLY A 15 15.46 4.80 2.31
CA GLY A 15 14.54 5.19 1.27
C GLY A 15 13.96 4.04 0.47
N GLY A 16 14.40 2.80 0.73
CA GLY A 16 13.85 1.62 0.10
C GLY A 16 12.49 1.23 0.63
N SER A 17 12.03 0.06 0.17
CA SER A 17 10.72 -0.49 0.48
C SER A 17 10.88 -1.82 1.19
N LEU A 18 10.00 -2.12 2.12
CA LEU A 18 9.95 -3.46 2.68
C LEU A 18 8.62 -4.09 2.28
N ARG A 19 8.67 -5.37 1.95
CA ARG A 19 7.46 -6.17 1.75
C ARG A 19 7.62 -7.43 2.57
N LEU A 20 6.66 -7.69 3.45
CA LEU A 20 6.71 -8.79 4.40
C LEU A 20 5.46 -9.63 4.24
N SER A 21 5.65 -10.92 4.38
CA SER A 21 4.58 -11.88 4.23
C SER A 21 4.43 -12.65 5.54
N CYS A 22 3.18 -12.94 5.86
CA CYS A 22 2.78 -13.70 7.03
C CYS A 22 1.81 -14.76 6.52
N ALA A 23 2.33 -15.95 6.28
CA ALA A 23 1.54 -17.05 5.72
C ALA A 23 0.96 -17.86 6.86
N ALA A 24 -0.37 -17.89 6.92
CA ALA A 24 -1.13 -18.55 7.97
C ALA A 24 -1.48 -19.98 7.56
N SER A 25 -1.19 -20.94 8.45
CA SER A 25 -1.56 -22.33 8.26
C SER A 25 -2.23 -22.85 9.52
N GLY A 26 -3.33 -23.58 9.35
CA GLY A 26 -4.09 -24.11 10.46
C GLY A 26 -5.29 -23.28 10.84
N PHE A 27 -5.61 -22.25 10.06
CA PHE A 27 -6.74 -21.36 10.35
C PHE A 27 -6.93 -20.45 9.14
N SER A 28 -8.13 -19.87 9.07
CA SER A 28 -8.55 -19.10 7.92
C SER A 28 -8.60 -17.61 8.24
N LEU A 29 -8.05 -16.81 7.33
CA LEU A 29 -8.11 -15.36 7.47
C LEU A 29 -9.53 -14.81 7.44
N SER A 30 -10.50 -15.56 6.93
CA SER A 30 -11.87 -15.05 7.05
C SER A 30 -12.43 -15.22 8.44
N SER A 31 -11.74 -15.93 9.33
CA SER A 31 -12.20 -16.06 10.70
C SER A 31 -11.33 -15.32 11.71
N TYR A 32 -10.08 -15.02 11.40
CA TYR A 32 -9.13 -14.37 12.31
C TYR A 32 -8.49 -13.18 11.63
N GLY A 33 -8.59 -12.00 12.27
CA GLY A 33 -7.78 -10.87 11.85
C GLY A 33 -6.32 -11.05 12.23
N VAL A 34 -5.45 -10.30 11.58
CA VAL A 34 -4.00 -10.44 11.80
C VAL A 34 -3.41 -9.07 12.01
N THR A 35 -2.44 -8.98 12.93
CA THR A 35 -1.80 -7.73 13.32
C THR A 35 -0.32 -7.81 12.98
N TRP A 36 0.25 -6.65 12.74
CA TRP A 36 1.67 -6.46 12.60
C TRP A 36 2.15 -5.57 13.75
N VAL A 37 3.22 -6.02 14.39
CA VAL A 37 3.85 -5.37 15.55
C VAL A 37 5.34 -5.37 15.27
N ARG A 38 6.04 -4.31 15.64
CA ARG A 38 7.48 -4.33 15.43
C ARG A 38 8.21 -3.96 16.72
N GLN A 39 9.51 -4.28 16.74
CA GLN A 39 10.32 -4.12 17.95
C GLN A 39 11.76 -3.75 17.58
N ALA A 40 12.17 -2.62 17.96
CA ALA A 40 13.59 -2.33 17.74
C ALA A 40 14.44 -2.97 18.84
N PRO A 41 15.72 -3.28 18.55
CA PRO A 41 16.63 -3.80 19.59
C PRO A 41 16.51 -3.20 20.97
N GLY A 42 16.14 -4.01 21.97
CA GLY A 42 16.16 -3.52 23.32
C GLY A 42 15.02 -2.61 23.69
N LYS A 43 14.05 -2.43 22.78
CA LYS A 43 12.92 -1.51 22.98
C LYS A 43 11.61 -2.30 23.07
N GLY A 44 10.51 -1.57 23.20
CA GLY A 44 9.23 -2.21 23.45
C GLY A 44 8.50 -2.67 22.19
N LEU A 45 7.26 -3.13 22.40
CA LEU A 45 6.43 -3.60 21.28
C LEU A 45 5.69 -2.42 20.68
N GLU A 46 5.81 -2.25 19.36
CA GLU A 46 5.20 -1.13 18.65
C GLU A 46 4.19 -1.67 17.64
N TRP A 47 2.92 -1.50 17.95
CA TRP A 47 1.84 -1.90 17.04
C TRP A 47 1.91 -1.08 15.75
N ILE A 48 1.77 -1.77 14.61
CA ILE A 48 1.70 -1.12 13.31
C ILE A 48 0.27 -1.09 12.81
N GLY A 49 -0.41 -2.23 12.86
CA GLY A 49 -1.83 -2.23 12.61
C GLY A 49 -2.34 -3.64 12.45
N TYR A 50 -3.56 -3.74 11.92
CA TYR A 50 -4.12 -5.07 11.73
C TYR A 50 -5.19 -4.99 10.66
N ILE A 51 -5.57 -6.17 10.16
CA ILE A 51 -6.57 -6.35 9.11
C ILE A 51 -7.62 -7.32 9.64
N THR A 52 -8.88 -6.88 9.58
CA THR A 52 -10.00 -7.66 10.05
C THR A 52 -10.21 -8.92 9.21
N SER A 53 -11.06 -9.82 9.74
CA SER A 53 -11.24 -11.17 9.25
C SER A 53 -12.29 -11.23 8.15
N ASN A 54 -13.35 -10.45 8.29
CA ASN A 54 -14.49 -10.60 7.42
C ASN A 54 -14.28 -9.84 6.11
N TYR A 55 -14.27 -8.51 6.16
CA TYR A 55 -14.07 -7.71 4.94
C TYR A 55 -12.62 -7.29 4.72
N GLY A 56 -11.69 -7.63 5.61
CA GLY A 56 -10.30 -7.24 5.43
C GLY A 56 -10.08 -5.74 5.46
N VAL A 57 -10.75 -5.07 6.38
CA VAL A 57 -10.53 -3.65 6.62
C VAL A 57 -9.23 -3.45 7.40
N SER A 58 -8.41 -2.48 7.00
CA SER A 58 -7.15 -2.20 7.67
C SER A 58 -7.25 -1.05 8.67
N TYR A 59 -6.71 -1.28 9.86
CA TYR A 59 -6.58 -0.23 10.87
C TYR A 59 -5.08 -0.06 11.14
N TYR A 60 -4.65 1.18 11.26
CA TYR A 60 -3.23 1.52 11.40
C TYR A 60 -2.97 2.32 12.67
N ALA A 61 -1.76 2.17 13.22
CA ALA A 61 -1.29 3.15 14.18
C ALA A 61 -1.24 4.51 13.52
N SER A 62 -1.60 5.54 14.28
CA SER A 62 -1.54 6.90 13.79
C SER A 62 -0.20 7.23 13.15
N TRP A 63 0.91 6.78 13.72
CA TRP A 63 2.19 7.13 13.09
C TRP A 63 2.43 6.40 11.78
N ALA A 64 1.69 5.33 11.51
CA ALA A 64 1.98 4.43 10.41
C ALA A 64 1.06 4.61 9.21
N LYS A 65 -0.01 5.38 9.33
CA LYS A 65 -1.04 5.42 8.31
C LYS A 65 -0.53 5.96 6.98
N SER A 66 0.41 6.91 7.02
CA SER A 66 0.83 7.62 5.81
C SER A 66 1.81 6.82 4.97
N ARG A 67 2.52 5.87 5.56
CA ARG A 67 3.56 5.13 4.86
C ARG A 67 3.35 3.62 4.83
N SER A 68 2.39 3.07 5.57
CA SER A 68 2.25 1.63 5.69
C SER A 68 0.97 1.15 5.02
N THR A 69 1.01 -0.06 4.48
CA THR A 69 -0.24 -0.71 4.07
C THR A 69 -0.25 -2.18 4.48
N ILE A 70 -1.39 -2.61 4.99
CA ILE A 70 -1.57 -3.99 5.40
C ILE A 70 -2.65 -4.59 4.50
N SER A 71 -2.38 -5.75 3.94
CA SER A 71 -3.29 -6.28 2.92
C SER A 71 -3.37 -7.80 3.05
N ARG A 72 -4.27 -8.39 2.29
CA ARG A 72 -4.61 -9.80 2.46
C ARG A 72 -4.79 -10.44 1.11
N ASP A 73 -4.20 -11.61 0.91
CA ASP A 73 -4.52 -12.49 -0.23
C ASP A 73 -5.24 -13.69 0.36
N THR A 74 -6.57 -13.71 0.22
CA THR A 74 -7.36 -14.77 0.82
C THR A 74 -7.11 -16.12 0.12
N SER A 75 -6.70 -16.11 -1.15
CA SER A 75 -6.46 -17.38 -1.82
C SER A 75 -5.19 -18.04 -1.29
N LYS A 76 -4.14 -17.25 -1.05
CA LYS A 76 -2.93 -17.77 -0.43
C LYS A 76 -3.00 -17.78 1.10
N ASN A 77 -4.12 -17.33 1.70
CA ASN A 77 -4.24 -17.27 3.17
C ASN A 77 -3.04 -16.54 3.78
N THR A 78 -2.65 -15.43 3.16
CA THR A 78 -1.43 -14.75 3.53
C THR A 78 -1.73 -13.28 3.73
N VAL A 79 -1.08 -12.69 4.75
CA VAL A 79 -1.24 -11.29 5.08
C VAL A 79 0.08 -10.60 4.75
N TYR A 80 0.02 -9.34 4.36
CA TYR A 80 1.23 -8.63 3.94
C TYR A 80 1.32 -7.28 4.65
N LEU A 81 2.56 -6.87 4.88
CA LEU A 81 2.86 -5.52 5.33
C LEU A 81 3.81 -4.89 4.32
N GLN A 82 3.48 -3.69 3.85
CA GLN A 82 4.33 -2.96 2.91
C GLN A 82 4.65 -1.62 3.54
N MET A 83 5.91 -1.21 3.41
CA MET A 83 6.29 0.09 3.96
C MET A 83 7.31 0.72 3.04
N GLY A 84 7.15 2.02 2.77
CA GLY A 84 8.08 2.77 1.94
C GLY A 84 8.89 3.77 2.75
N SER A 85 9.79 4.45 2.06
CA SER A 85 10.58 5.56 2.61
C SER A 85 11.26 5.16 3.91
N LEU A 86 11.91 4.01 3.90
CA LEU A 86 12.44 3.45 5.14
C LEU A 86 13.57 4.31 5.69
N ARG A 87 13.59 4.46 7.00
CA ARG A 87 14.63 5.22 7.69
C ARG A 87 15.21 4.33 8.79
N ALA A 88 16.24 4.84 9.47
CA ALA A 88 16.85 4.09 10.57
C ALA A 88 15.81 3.61 11.58
N GLU A 89 14.90 4.50 11.98
CA GLU A 89 13.82 4.21 12.92
C GLU A 89 12.93 3.03 12.55
N ASP A 90 13.08 2.48 11.35
CA ASP A 90 12.30 1.32 10.89
C ASP A 90 13.05 0.01 11.01
N MET A 91 14.35 0.04 11.29
CA MET A 91 15.11 -1.16 11.62
CA MET A 91 15.09 -1.18 11.60
C MET A 91 14.46 -1.86 12.80
N ALA A 92 14.00 -3.10 12.62
CA ALA A 92 13.30 -3.75 13.73
C ALA A 92 13.07 -5.22 13.40
N VAL A 93 12.66 -5.98 14.43
CA VAL A 93 12.04 -7.28 14.20
C VAL A 93 10.55 -7.03 13.99
N TYR A 94 9.99 -7.61 12.93
CA TYR A 94 8.59 -7.45 12.56
C TYR A 94 7.89 -8.78 12.79
N TYR A 95 6.85 -8.78 13.65
CA TYR A 95 5.99 -9.93 13.91
C TYR A 95 4.61 -9.71 13.31
N CYS A 96 3.99 -10.79 12.87
CA CYS A 96 2.55 -10.83 12.67
C CYS A 96 1.94 -11.74 13.73
N ALA A 97 0.67 -11.52 14.03
CA ALA A 97 0.03 -12.36 15.04
C ALA A 97 -1.46 -12.39 14.78
N ARG A 98 -2.09 -13.48 15.17
CA ARG A 98 -3.50 -13.74 14.93
C ARG A 98 -4.30 -13.18 16.09
N GLU A 99 -5.45 -12.59 15.77
CA GLU A 99 -6.36 -12.06 16.78
C GLU A 99 -7.49 -13.04 17.01
N ASN A 100 -7.59 -13.57 18.25
CA ASN A 100 -8.63 -14.54 18.54
C ASN A 100 -9.85 -13.87 19.18
N PRO A 101 -10.96 -13.75 18.48
CA PRO A 101 -12.11 -12.96 18.99
C PRO A 101 -12.75 -13.50 20.27
N ASP A 102 -12.47 -14.74 20.56
CA ASP A 102 -12.97 -15.39 21.72
C ASP A 102 -12.18 -15.01 22.90
N TYR A 103 -11.04 -14.40 22.72
CA TYR A 103 -10.23 -13.96 23.78
C TYR A 103 -10.18 -12.48 23.73
N GLY A 104 -11.21 -11.91 23.23
CA GLY A 104 -11.39 -10.48 23.00
C GLY A 104 -10.31 -9.94 22.08
N TYR A 105 -9.93 -10.71 21.06
CA TYR A 105 -8.98 -10.29 20.01
C TYR A 105 -7.55 -10.25 20.52
N ALA A 106 -7.29 -10.87 21.68
CA ALA A 106 -5.91 -11.04 22.11
C ALA A 106 -5.10 -11.78 21.05
N TYR A 107 -3.79 -11.54 21.05
CA TYR A 107 -2.84 -12.09 20.09
C TYR A 107 -2.33 -13.44 20.60
N ASP A 108 -3.01 -14.53 20.18
CA ASP A 108 -2.78 -15.86 20.79
C ASP A 108 -1.81 -16.74 19.99
N ALA A 109 -1.46 -16.33 18.78
CA ALA A 109 -0.51 -17.09 17.95
C ALA A 109 0.36 -16.10 17.21
N TRP A 110 1.68 -16.21 17.42
CA TRP A 110 2.67 -15.28 16.91
C TRP A 110 3.51 -15.93 15.81
N GLY A 111 4.01 -15.09 14.90
CA GLY A 111 5.01 -15.56 13.96
C GLY A 111 6.39 -15.58 14.59
N GLN A 112 7.36 -16.12 13.83
CA GLN A 112 8.72 -16.25 14.35
C GLN A 112 9.45 -14.92 14.34
N GLY A 113 8.90 -13.91 13.66
CA GLY A 113 9.58 -12.64 13.49
C GLY A 113 10.58 -12.61 12.35
N THR A 114 10.52 -11.59 11.50
CA THR A 114 11.51 -11.39 10.45
C THR A 114 12.19 -10.04 10.66
N THR A 115 13.52 -10.03 10.53
CA THR A 115 14.37 -8.89 10.86
C THR A 115 14.60 -8.00 9.64
N VAL A 116 14.37 -6.69 9.78
CA VAL A 116 14.62 -5.73 8.71
C VAL A 116 15.70 -4.76 9.16
N THR A 117 16.81 -4.73 8.39
CA THR A 117 17.96 -3.88 8.61
C THR A 117 17.99 -2.77 7.56
N VAL A 118 18.02 -1.51 7.98
CA VAL A 118 18.08 -0.41 7.03
C VAL A 118 19.52 0.06 6.89
N SER A 119 20.23 -0.43 5.87
CA SER A 119 21.59 -0.04 5.72
C SER A 119 21.97 0.10 4.32
N SER A 120 23.09 0.73 4.09
CA SER A 120 23.65 0.72 2.79
C SER A 120 24.79 -0.18 2.66
N ALA A 121 25.17 -0.85 3.71
CA ALA A 121 26.27 -1.74 3.59
C ALA A 121 26.00 -3.03 2.90
N SER A 122 27.04 -3.81 2.81
CA SER A 122 26.99 -5.03 2.12
C SER A 122 26.94 -6.16 3.05
N THR A 123 26.32 -7.22 2.63
CA THR A 123 26.22 -8.45 3.42
C THR A 123 27.53 -9.21 3.42
N LYS A 124 28.09 -9.46 4.60
CA LYS A 124 29.28 -10.29 4.74
C LYS A 124 28.97 -11.43 5.69
N GLY A 125 29.35 -12.65 5.29
CA GLY A 125 29.14 -13.84 6.08
C GLY A 125 30.16 -14.03 7.19
N PRO A 126 29.87 -14.93 8.12
CA PRO A 126 30.68 -15.04 9.33
C PRO A 126 31.91 -15.92 9.14
N SER A 127 33.00 -15.52 9.78
CA SER A 127 34.14 -16.39 9.97
C SER A 127 34.06 -16.98 11.39
N VAL A 128 34.20 -18.31 11.50
CA VAL A 128 34.00 -19.03 12.75
C VAL A 128 35.32 -19.67 13.18
N PHE A 129 35.76 -19.36 14.39
CA PHE A 129 36.99 -19.90 14.97
C PHE A 129 36.66 -20.69 16.24
N PRO A 130 37.37 -21.79 16.48
CA PRO A 130 37.08 -22.59 17.68
C PRO A 130 37.66 -21.96 18.95
N LEU A 131 37.02 -22.27 20.09
CA LEU A 131 37.49 -21.93 21.44
C LEU A 131 37.68 -23.28 22.12
N ALA A 132 38.86 -23.86 21.98
CA ALA A 132 39.11 -25.26 22.34
C ALA A 132 39.39 -25.39 23.83
N PRO A 133 38.80 -26.41 24.48
CA PRO A 133 38.97 -26.72 25.91
C PRO A 133 40.43 -26.90 26.28
N GLY A 140 38.73 -28.63 36.09
CA GLY A 140 38.49 -29.85 36.83
C GLY A 140 37.02 -30.17 37.05
N GLY A 141 36.58 -31.33 36.56
CA GLY A 141 35.19 -31.74 36.69
C GLY A 141 34.34 -31.48 35.46
N THR A 142 34.25 -30.22 35.05
CA THR A 142 33.42 -29.80 33.92
C THR A 142 34.27 -28.98 32.96
N ALA A 143 34.06 -29.18 31.66
CA ALA A 143 34.89 -28.59 30.63
C ALA A 143 34.07 -27.66 29.73
N ALA A 144 34.67 -26.53 29.35
CA ALA A 144 34.01 -25.50 28.58
C ALA A 144 34.59 -25.43 27.16
N LEU A 145 33.70 -25.42 26.15
CA LEU A 145 34.05 -25.31 24.74
C LEU A 145 33.34 -24.11 24.13
N GLY A 146 33.78 -23.68 22.94
CA GLY A 146 33.08 -22.56 22.33
C GLY A 146 33.44 -22.28 20.88
N CYS A 147 32.83 -21.23 20.37
CA CYS A 147 33.03 -20.74 19.03
C CYS A 147 33.02 -19.25 19.02
N LEU A 148 34.04 -18.62 18.49
CA LEU A 148 34.12 -17.20 18.21
C LEU A 148 33.61 -16.92 16.79
N VAL A 149 32.51 -16.15 16.67
CA VAL A 149 31.89 -15.80 15.39
C VAL A 149 32.17 -14.34 15.10
N LYS A 150 32.89 -14.06 14.00
CA LYS A 150 33.41 -12.72 13.75
C LYS A 150 33.11 -12.27 12.31
N ASP A 151 33.18 -10.95 12.09
CA ASP A 151 33.22 -10.34 10.75
CA ASP A 151 33.22 -10.35 10.75
C ASP A 151 31.96 -10.64 9.94
N TYR A 152 30.80 -10.37 10.54
CA TYR A 152 29.58 -10.60 9.79
C TYR A 152 28.67 -9.39 9.90
N PHE A 153 27.81 -9.23 8.90
CA PHE A 153 26.88 -8.12 8.81
C PHE A 153 25.77 -8.48 7.84
N PRO A 154 24.51 -8.22 8.16
CA PRO A 154 24.11 -7.65 9.45
C PRO A 154 23.80 -8.75 10.47
N GLU A 155 23.17 -8.38 11.58
CA GLU A 155 22.61 -9.34 12.51
C GLU A 155 21.27 -9.83 12.00
N PRO A 156 20.81 -11.01 12.44
CA PRO A 156 21.37 -11.90 13.46
C PRO A 156 22.19 -13.07 12.90
N VAL A 157 22.97 -13.74 13.75
CA VAL A 157 23.39 -15.12 13.54
C VAL A 157 22.67 -15.98 14.56
N THR A 158 22.35 -17.20 14.17
CA THR A 158 21.81 -18.24 15.04
C THR A 158 22.89 -19.29 15.25
N VAL A 159 23.32 -19.47 16.50
CA VAL A 159 24.26 -20.54 16.84
C VAL A 159 23.51 -21.68 17.52
N SER A 160 23.73 -22.90 17.05
CA SER A 160 23.25 -24.09 17.74
C SER A 160 24.45 -25.02 17.92
N TRP A 161 24.25 -26.09 18.68
CA TRP A 161 25.34 -27.01 18.96
C TRP A 161 24.88 -28.42 18.65
N ASN A 162 25.69 -29.14 17.89
CA ASN A 162 25.34 -30.49 17.46
C ASN A 162 23.93 -30.51 16.89
N SER A 163 23.68 -29.57 15.99
CA SER A 163 22.48 -29.55 15.17
C SER A 163 21.20 -29.59 16.02
N GLY A 164 21.23 -28.86 17.13
CA GLY A 164 20.08 -28.75 18.00
C GLY A 164 19.98 -29.83 19.05
N ALA A 165 20.95 -30.73 19.12
CA ALA A 165 20.99 -31.74 20.16
C ALA A 165 21.46 -31.14 21.48
N LEU A 166 22.70 -30.64 21.50
CA LEU A 166 23.27 -30.04 22.68
C LEU A 166 22.55 -28.72 22.98
N THR A 167 21.73 -28.72 24.02
CA THR A 167 21.01 -27.52 24.47
C THR A 167 21.37 -27.10 25.88
N SER A 168 21.53 -28.04 26.80
CA SER A 168 21.67 -27.66 28.20
C SER A 168 23.07 -27.12 28.45
N GLY A 169 23.12 -25.92 29.02
CA GLY A 169 24.38 -25.32 29.41
C GLY A 169 24.99 -24.37 28.42
N VAL A 170 24.25 -23.97 27.37
CA VAL A 170 24.81 -23.12 26.32
C VAL A 170 24.57 -21.66 26.68
N HIS A 171 25.61 -20.84 26.51
CA HIS A 171 25.49 -19.39 26.59
C HIS A 171 26.01 -18.78 25.29
N THR A 172 25.13 -18.15 24.52
CA THR A 172 25.55 -17.37 23.36
C THR A 172 25.49 -15.90 23.72
N PHE A 173 26.55 -15.20 23.48
CA PHE A 173 26.58 -13.85 24.00
C PHE A 173 26.03 -12.85 22.98
N PRO A 174 25.53 -11.71 23.47
CA PRO A 174 25.16 -10.62 22.58
C PRO A 174 26.31 -10.20 21.69
N ALA A 175 25.98 -9.95 20.42
CA ALA A 175 26.94 -9.48 19.43
C ALA A 175 27.44 -8.09 19.80
N VAL A 176 28.60 -7.74 19.26
CA VAL A 176 29.18 -6.42 19.50
C VAL A 176 29.65 -5.87 18.16
N LEU A 177 29.29 -4.62 17.88
CA LEU A 177 29.71 -3.99 16.64
C LEU A 177 31.16 -3.59 16.79
N GLN A 178 32.01 -4.08 15.88
CA GLN A 178 33.41 -3.73 15.90
C GLN A 178 33.63 -2.44 15.13
N SER A 179 34.87 -1.93 15.21
CA SER A 179 35.23 -0.72 14.48
C SER A 179 35.07 -0.90 12.98
N SER A 180 35.17 -2.14 12.50
CA SER A 180 34.99 -2.46 11.09
C SER A 180 33.60 -2.14 10.56
N GLY A 181 32.63 -1.88 11.43
CA GLY A 181 31.25 -1.92 11.01
C GLY A 181 30.68 -3.32 10.91
N LEU A 182 31.48 -4.34 11.23
CA LEU A 182 31.03 -5.72 11.34
C LEU A 182 30.89 -6.10 12.81
N TYR A 183 30.18 -7.21 13.02
CA TYR A 183 29.79 -7.68 14.33
C TYR A 183 30.63 -8.89 14.74
N SER A 184 30.70 -9.13 16.05
CA SER A 184 31.36 -10.31 16.59
C SER A 184 30.68 -10.75 17.88
N LEU A 185 30.79 -12.03 18.18
CA LEU A 185 30.22 -12.61 19.38
C LEU A 185 30.88 -13.96 19.61
N SER A 186 30.48 -14.62 20.70
CA SER A 186 30.92 -15.98 20.94
C SER A 186 29.78 -16.79 21.54
N SER A 187 29.90 -18.11 21.43
CA SER A 187 28.94 -19.06 21.99
C SER A 187 29.73 -20.14 22.71
N VAL A 188 29.37 -20.41 23.98
CA VAL A 188 30.11 -21.34 24.82
C VAL A 188 29.14 -22.37 25.40
N VAL A 189 29.71 -23.50 25.82
CA VAL A 189 28.93 -24.53 26.48
C VAL A 189 29.83 -25.25 27.48
N THR A 190 29.22 -25.78 28.55
CA THR A 190 29.92 -26.63 29.52
C THR A 190 29.38 -28.06 29.37
N VAL A 191 30.30 -29.02 29.43
CA VAL A 191 29.99 -30.43 29.30
C VAL A 191 30.77 -31.18 30.39
N PRO A 192 30.43 -32.45 30.63
CA PRO A 192 31.30 -33.25 31.50
C PRO A 192 32.63 -33.51 30.80
N SER A 193 33.72 -33.34 31.55
CA SER A 193 35.05 -33.54 30.95
C SER A 193 35.24 -34.97 30.44
N SER A 194 34.36 -35.90 30.82
CA SER A 194 34.39 -37.28 30.37
C SER A 194 33.88 -37.47 28.94
N SER A 195 33.26 -36.44 28.36
CA SER A 195 32.81 -36.52 26.97
C SER A 195 33.80 -35.89 26.01
N LEU A 196 34.76 -35.12 26.53
CA LEU A 196 35.67 -34.34 25.71
C LEU A 196 36.41 -35.20 24.70
N GLY A 197 36.81 -36.41 25.10
CA GLY A 197 37.47 -37.31 24.17
C GLY A 197 36.59 -38.43 23.64
N THR A 198 35.28 -38.21 23.58
CA THR A 198 34.35 -39.23 23.11
C THR A 198 33.29 -38.58 22.25
N GLN A 199 32.46 -37.71 22.85
CA GLN A 199 31.43 -37.01 22.12
C GLN A 199 31.99 -35.91 21.22
N THR A 200 31.60 -35.94 19.95
CA THR A 200 32.00 -34.92 19.01
C THR A 200 31.10 -33.70 19.14
N TYR A 201 31.72 -32.53 19.29
CA TYR A 201 31.01 -31.28 19.51
C TYR A 201 31.21 -30.35 18.31
N ILE A 202 30.11 -29.98 17.66
CA ILE A 202 30.12 -29.13 16.47
C ILE A 202 29.31 -27.89 16.77
N CYS A 203 29.83 -26.71 16.46
CA CYS A 203 28.98 -25.52 16.51
C CYS A 203 28.49 -25.18 15.10
N ASN A 204 27.20 -24.84 15.01
CA ASN A 204 26.53 -24.56 13.75
C ASN A 204 26.08 -23.12 13.76
N VAL A 205 26.70 -22.30 12.91
CA VAL A 205 26.39 -20.88 12.80
C VAL A 205 25.61 -20.66 11.51
N ASN A 206 24.39 -20.16 11.66
CA ASN A 206 23.50 -19.87 10.54
C ASN A 206 23.36 -18.35 10.47
N HIS A 207 23.85 -17.76 9.37
CA HIS A 207 23.67 -16.35 9.09
C HIS A 207 22.66 -16.27 7.95
N LYS A 208 21.39 -16.10 8.32
CA LYS A 208 20.33 -16.04 7.31
C LYS A 208 20.46 -14.85 6.36
N PRO A 209 20.91 -13.66 6.77
CA PRO A 209 21.04 -12.54 5.80
C PRO A 209 21.95 -12.82 4.62
N SER A 210 22.97 -13.67 4.77
CA SER A 210 23.87 -14.07 3.69
C SER A 210 23.58 -15.48 3.22
N ASN A 211 22.50 -16.08 3.68
CA ASN A 211 22.15 -17.48 3.43
C ASN A 211 23.37 -18.40 3.56
N THR A 212 24.12 -18.20 4.64
CA THR A 212 25.35 -18.93 4.89
C THR A 212 25.20 -19.80 6.14
N LYS A 213 25.76 -21.00 6.10
CA LYS A 213 25.80 -21.90 7.25
C LYS A 213 27.20 -22.47 7.36
N VAL A 214 27.82 -22.30 8.52
CA VAL A 214 29.17 -22.77 8.80
C VAL A 214 29.11 -23.74 9.96
N ASP A 215 29.75 -24.89 9.81
CA ASP A 215 29.80 -25.90 10.86
C ASP A 215 31.27 -26.13 11.23
N LYS A 216 31.65 -25.72 12.45
CA LYS A 216 33.03 -25.87 12.90
C LYS A 216 33.10 -26.87 14.04
N LYS A 217 33.84 -27.96 13.81
CA LYS A 217 34.07 -28.95 14.86
C LYS A 217 35.07 -28.38 15.85
N VAL A 218 34.71 -28.41 17.12
CA VAL A 218 35.59 -28.02 18.20
C VAL A 218 36.06 -29.27 18.91
N GLU A 219 37.37 -29.45 18.99
CA GLU A 219 37.89 -30.61 19.67
C GLU A 219 39.25 -30.22 20.29
N PRO A 220 39.63 -30.89 21.38
CA PRO A 220 40.77 -30.60 22.27
C PRO A 220 42.14 -30.75 21.62
N ALA B 1 -8.87 7.66 21.25
CA ALA B 1 -7.51 7.97 21.69
C ALA B 1 -7.18 7.28 23.01
N ILE B 2 -7.17 5.95 23.01
CA ILE B 2 -6.78 5.16 24.17
C ILE B 2 -5.28 5.11 24.22
N ARG B 3 -4.70 5.52 25.36
CA ARG B 3 -3.30 5.36 25.69
C ARG B 3 -3.13 4.38 26.84
N MET B 4 -2.14 3.51 26.73
CA MET B 4 -1.84 2.53 27.74
C MET B 4 -0.49 2.87 28.38
N THR B 5 -0.42 2.78 29.70
CA THR B 5 0.84 3.00 30.41
C THR B 5 1.06 1.91 31.44
N GLN B 6 2.30 1.48 31.58
CA GLN B 6 2.65 0.48 32.56
C GLN B 6 3.56 1.08 33.61
N SER B 7 3.55 0.44 34.78
CA SER B 7 4.38 0.84 35.92
C SER B 7 4.75 -0.39 36.73
N PRO B 8 5.99 -0.47 37.30
CA PRO B 8 7.12 0.43 37.01
C PRO B 8 7.75 -0.02 35.69
N SER B 9 8.79 0.65 35.21
CA SER B 9 9.44 0.18 33.99
C SER B 9 10.28 -1.06 34.26
N SER B 10 10.81 -1.16 35.49
CA SER B 10 11.71 -2.18 35.99
C SER B 10 11.23 -2.63 37.37
N PHE B 11 11.18 -3.94 37.58
CA PHE B 11 10.68 -4.54 38.81
C PHE B 11 11.69 -5.61 39.22
N SER B 12 12.39 -5.38 40.33
CA SER B 12 13.30 -6.37 40.88
C SER B 12 12.72 -6.91 42.17
N ALA B 13 12.66 -8.25 42.28
CA ALA B 13 12.28 -8.93 43.52
C ALA B 13 13.08 -10.22 43.63
N SER B 14 12.91 -10.92 44.75
CA SER B 14 13.64 -12.15 45.01
C SER B 14 12.78 -13.35 44.67
N THR B 15 13.47 -14.46 44.36
CA THR B 15 12.83 -15.75 44.12
C THR B 15 11.81 -16.08 45.19
N GLY B 16 10.61 -16.43 44.76
CA GLY B 16 9.54 -16.77 45.68
C GLY B 16 8.69 -15.60 46.11
N ASP B 17 9.13 -14.39 45.85
CA ASP B 17 8.36 -13.22 46.24
C ASP B 17 7.12 -13.06 45.36
N ARG B 18 6.15 -12.31 45.90
CA ARG B 18 4.99 -11.90 45.13
C ARG B 18 5.30 -10.66 44.30
N VAL B 19 4.96 -10.71 43.01
CA VAL B 19 5.19 -9.61 42.06
C VAL B 19 3.86 -9.04 41.61
N THR B 20 3.75 -7.72 41.64
CA THR B 20 2.56 -7.03 41.14
C THR B 20 3.01 -5.91 40.21
N ILE B 21 2.48 -5.89 38.98
CA ILE B 21 2.81 -4.83 38.03
C ILE B 21 1.51 -4.26 37.48
N THR B 22 1.53 -2.98 37.11
CA THR B 22 0.28 -2.34 36.75
C THR B 22 0.25 -1.85 35.30
N CYS B 23 -0.96 -1.55 34.89
CA CYS B 23 -1.25 -1.07 33.56
C CYS B 23 -2.49 -0.19 33.66
N GLN B 24 -2.51 0.89 32.88
CA GLN B 24 -3.59 1.87 32.95
CA GLN B 24 -3.59 1.87 32.95
C GLN B 24 -4.00 2.28 31.54
N ALA B 25 -5.30 2.47 31.36
CA ALA B 25 -5.87 2.94 30.12
C ALA B 25 -6.33 4.37 30.32
N SER B 26 -6.05 5.22 29.32
CA SER B 26 -6.43 6.63 29.42
C SER B 26 -7.95 6.79 29.40
N GLU B 27 -8.69 5.76 29.02
CA GLU B 27 -10.15 5.76 29.00
C GLU B 27 -10.60 4.35 29.30
N SER B 28 -11.86 4.20 29.68
CA SER B 28 -12.35 2.88 30.01
C SER B 28 -12.27 1.94 28.82
N ILE B 29 -11.84 0.71 29.09
CA ILE B 29 -11.79 -0.33 28.08
C ILE B 29 -12.45 -1.59 28.63
N SER B 30 -13.23 -1.43 29.68
CA SER B 30 -13.95 -2.57 30.27
C SER B 30 -12.91 -3.62 30.68
N ASN B 31 -13.07 -4.88 30.27
CA ASN B 31 -12.11 -5.92 30.60
C ASN B 31 -11.33 -6.37 29.38
N GLU B 32 -11.27 -5.56 28.33
CA GLU B 32 -10.57 -5.96 27.10
C GLU B 32 -9.09 -5.63 27.21
N LEU B 33 -8.43 -6.43 28.00
CA LEU B 33 -7.06 -6.17 28.33
C LEU B 33 -6.32 -7.50 28.36
N SER B 34 -5.12 -7.51 27.84
CA SER B 34 -4.38 -8.75 27.73
C SER B 34 -2.96 -8.49 28.19
N TRP B 35 -2.35 -9.55 28.68
CA TRP B 35 -0.99 -9.50 29.16
C TRP B 35 -0.19 -10.53 28.39
N TYR B 36 1.01 -10.11 28.00
CA TYR B 36 1.95 -10.85 27.20
C TYR B 36 3.28 -10.90 27.95
N GLN B 37 3.91 -12.06 27.90
CA GLN B 37 5.26 -12.27 28.40
C GLN B 37 6.21 -12.41 27.22
N GLN B 38 7.34 -11.70 27.26
CA GLN B 38 8.36 -11.83 26.24
C GLN B 38 9.68 -12.19 26.91
N LYS B 39 10.08 -13.45 26.76
CA LYS B 39 11.38 -13.91 27.23
C LYS B 39 12.45 -13.42 26.26
N PRO B 40 13.70 -13.30 26.71
CA PRO B 40 14.72 -12.72 25.84
C PRO B 40 14.90 -13.54 24.57
N GLY B 41 14.88 -12.86 23.42
CA GLY B 41 15.08 -13.50 22.13
C GLY B 41 13.91 -14.24 21.54
N LYS B 42 12.70 -14.00 22.05
CA LYS B 42 11.53 -14.81 21.69
C LYS B 42 10.36 -13.90 21.35
N ALA B 43 9.42 -14.44 20.59
CA ALA B 43 8.20 -13.71 20.35
C ALA B 43 7.44 -13.56 21.67
N PRO B 44 6.58 -12.55 21.79
CA PRO B 44 5.75 -12.48 22.98
C PRO B 44 4.80 -13.67 23.03
N LYS B 45 4.34 -13.99 24.23
CA LYS B 45 3.37 -15.05 24.42
C LYS B 45 2.24 -14.51 25.29
N LEU B 46 0.99 -14.82 24.90
CA LEU B 46 -0.20 -14.44 25.63
C LEU B 46 -0.27 -15.18 26.97
N LEU B 47 -0.38 -14.43 28.06
CA LEU B 47 -0.57 -15.01 29.40
C LEU B 47 -1.99 -14.85 29.89
N ILE B 48 -2.57 -13.67 29.68
CA ILE B 48 -3.86 -13.36 30.30
C ILE B 48 -4.68 -12.60 29.30
N TYR B 49 -6.00 -12.84 29.27
CA TYR B 49 -6.87 -12.09 28.40
C TYR B 49 -8.19 -11.89 29.12
N TYR B 50 -9.04 -10.99 28.60
CA TYR B 50 -10.21 -10.49 29.32
C TYR B 50 -9.81 -10.12 30.76
N ALA B 51 -8.66 -9.47 30.89
CA ALA B 51 -8.12 -8.95 32.17
C ALA B 51 -7.78 -10.01 33.22
N SER B 52 -8.44 -11.13 33.21
CA SER B 52 -8.18 -12.10 34.22
C SER B 52 -8.29 -13.56 33.97
N THR B 53 -8.42 -13.99 32.73
CA THR B 53 -8.52 -15.42 32.44
C THR B 53 -7.20 -15.95 31.90
N LEU B 54 -6.64 -16.96 32.55
CA LEU B 54 -5.35 -17.53 32.12
C LEU B 54 -5.44 -18.35 30.84
N ALA B 55 -4.47 -18.14 29.95
CA ALA B 55 -4.44 -18.89 28.69
C ALA B 55 -3.92 -20.29 28.98
N SER B 56 -4.25 -21.21 28.09
CA SER B 56 -3.83 -22.60 28.26
C SER B 56 -2.31 -22.66 28.43
N GLY B 57 -1.87 -23.52 29.33
CA GLY B 57 -0.46 -23.70 29.57
C GLY B 57 0.22 -22.64 30.42
N VAL B 58 -0.47 -21.59 30.82
CA VAL B 58 0.17 -20.57 31.67
C VAL B 58 0.19 -21.07 33.11
N PRO B 59 1.35 -21.07 33.76
CA PRO B 59 1.40 -21.47 35.19
C PRO B 59 0.43 -20.68 36.07
N SER B 60 -0.25 -21.40 36.98
CA SER B 60 -1.26 -20.83 37.86
C SER B 60 -0.72 -19.76 38.81
N ARG B 61 0.60 -19.63 38.99
CA ARG B 61 1.06 -18.51 39.80
C ARG B 61 0.79 -17.15 39.15
N PHE B 62 0.39 -17.11 37.86
CA PHE B 62 0.03 -15.85 37.21
C PHE B 62 -1.45 -15.58 37.43
N SER B 63 -1.79 -14.32 37.66
CA SER B 63 -3.19 -13.92 37.71
C SER B 63 -3.30 -12.46 37.28
N GLY B 64 -4.51 -12.04 36.93
CA GLY B 64 -4.66 -10.67 36.48
C GLY B 64 -5.95 -10.11 36.99
N SER B 65 -6.02 -8.81 37.21
CA SER B 65 -7.22 -8.22 37.77
C SER B 65 -7.51 -6.85 37.16
N GLY B 66 -8.75 -6.41 37.35
CA GLY B 66 -9.16 -5.06 37.06
C GLY B 66 -10.21 -4.98 35.96
N SER B 67 -10.87 -3.83 35.87
CA SER B 67 -11.90 -3.58 34.87
C SER B 67 -12.08 -2.08 34.77
N GLY B 68 -12.22 -1.59 33.53
CA GLY B 68 -12.32 -0.15 33.36
C GLY B 68 -11.01 0.48 32.94
N THR B 69 -10.29 1.14 33.87
CA THR B 69 -9.04 1.78 33.49
C THR B 69 -7.78 1.26 34.17
N ASP B 70 -7.89 0.55 35.31
CA ASP B 70 -6.73 0.18 36.14
C ASP B 70 -6.60 -1.33 36.22
N PHE B 71 -5.45 -1.87 35.84
CA PHE B 71 -5.28 -3.31 35.73
C PHE B 71 -3.99 -3.76 36.40
N THR B 72 -4.01 -5.01 36.83
CA THR B 72 -2.93 -5.57 37.61
C THR B 72 -2.59 -6.93 37.03
N LEU B 73 -1.31 -7.20 36.85
CA LEU B 73 -0.82 -8.55 36.66
C LEU B 73 -0.01 -8.96 37.89
N THR B 74 -0.14 -10.22 38.32
CA THR B 74 0.45 -10.69 39.57
C THR B 74 1.08 -12.05 39.37
N ILE B 75 2.28 -12.22 39.93
CA ILE B 75 2.99 -13.49 40.00
C ILE B 75 3.06 -13.87 41.50
N SER B 76 2.27 -14.88 41.88
CA SER B 76 2.16 -15.29 43.27
C SER B 76 3.52 -15.65 43.87
N SER B 77 4.40 -16.28 43.08
CA SER B 77 5.75 -16.57 43.60
C SER B 77 6.75 -16.57 42.45
N LEU B 78 7.62 -15.55 42.42
CA LEU B 78 8.52 -15.32 41.30
C LEU B 78 9.47 -16.49 41.06
N GLN B 79 9.34 -17.17 39.94
CA GLN B 79 10.28 -18.25 39.65
C GLN B 79 11.34 -17.77 38.68
N PRO B 80 12.50 -18.44 38.64
CA PRO B 80 13.55 -18.01 37.70
C PRO B 80 13.05 -17.92 36.27
N GLU B 81 12.20 -18.85 35.82
CA GLU B 81 11.81 -18.85 34.40
C GLU B 81 10.72 -17.80 34.06
N ASP B 82 10.52 -16.89 35.01
CA ASP B 82 9.64 -15.75 34.87
C ASP B 82 10.42 -14.49 34.48
N PHE B 83 11.74 -14.59 34.40
CA PHE B 83 12.52 -13.49 33.88
C PHE B 83 12.03 -13.17 32.47
N ALA B 84 11.48 -11.97 32.29
CA ALA B 84 10.98 -11.52 30.98
C ALA B 84 10.61 -10.06 31.05
N THR B 85 10.04 -9.54 29.96
CA THR B 85 9.37 -8.25 29.99
C THR B 85 7.89 -8.50 29.79
N TYR B 86 7.05 -7.77 30.51
CA TYR B 86 5.60 -7.98 30.48
C TYR B 86 4.91 -6.77 29.85
N TYR B 87 4.06 -7.04 28.85
CA TYR B 87 3.32 -5.98 28.18
C TYR B 87 1.82 -6.19 28.37
N CYS B 88 1.09 -5.10 28.59
CA CYS B 88 -0.36 -5.15 28.42
C CYS B 88 -0.78 -4.56 27.06
N ALA B 89 -1.98 -4.96 26.63
CA ALA B 89 -2.52 -4.45 25.38
C ALA B 89 -4.03 -4.42 25.45
N GLN B 90 -4.62 -3.28 25.09
CA GLN B 90 -6.07 -3.14 25.01
C GLN B 90 -6.57 -3.65 23.67
N GLY B 91 -7.72 -4.31 23.69
CA GLY B 91 -8.44 -4.71 22.51
C GLY B 91 -9.82 -4.10 22.52
N PHE B 92 -9.96 -2.86 23.00
CA PHE B 92 -11.27 -2.24 22.98
C PHE B 92 -11.57 -1.57 21.63
N GLY B 93 -10.61 -0.85 21.07
CA GLY B 93 -10.87 -0.12 19.85
C GLY B 93 -9.55 0.17 19.17
N SER B 94 -9.65 0.48 17.87
CA SER B 94 -8.45 0.59 17.05
C SER B 94 -8.25 1.95 16.39
N SER B 95 -9.21 2.86 16.49
CA SER B 95 -9.16 4.09 15.71
C SER B 95 -8.58 5.22 16.54
N GLY B 96 -7.65 5.97 15.95
CA GLY B 96 -6.97 7.05 16.66
C GLY B 96 -6.05 6.56 17.75
N VAL B 97 -5.48 5.37 17.59
CA VAL B 97 -4.61 4.76 18.58
C VAL B 97 -3.18 4.87 18.07
N GLU B 98 -2.28 5.32 18.94
CA GLU B 98 -0.86 5.35 18.60
C GLU B 98 -0.23 3.99 18.82
N ASN B 99 -0.58 3.32 19.92
CA ASN B 99 -0.02 2.03 20.25
C ASN B 99 -1.02 1.29 21.13
N VAL B 100 -1.21 0.02 20.83
CA VAL B 100 -2.18 -0.75 21.58
C VAL B 100 -1.52 -1.30 22.84
N PHE B 101 -0.20 -1.43 22.81
CA PHE B 101 0.66 -1.92 23.89
C PHE B 101 1.00 -0.81 24.88
N GLY B 102 1.21 -1.21 26.15
CA GLY B 102 1.91 -0.37 27.10
C GLY B 102 3.40 -0.48 26.90
N GLY B 103 4.14 0.33 27.67
CA GLY B 103 5.58 0.40 27.45
C GLY B 103 6.34 -0.82 27.96
N GLY B 104 5.69 -1.72 28.70
CA GLY B 104 6.35 -2.90 29.23
C GLY B 104 6.96 -2.68 30.63
N THR B 105 7.09 -3.78 31.37
CA THR B 105 7.74 -3.82 32.67
C THR B 105 8.75 -4.96 32.65
N LYS B 106 10.04 -4.66 32.81
CA LYS B 106 11.05 -5.73 32.83
C LYS B 106 11.14 -6.30 34.25
N VAL B 107 10.88 -7.60 34.41
CA VAL B 107 11.02 -8.25 35.71
C VAL B 107 12.42 -8.84 35.82
N GLU B 108 13.14 -8.46 36.88
CA GLU B 108 14.48 -8.96 37.18
C GLU B 108 14.45 -9.73 38.50
N ILE B 109 15.25 -10.79 38.58
CA ILE B 109 15.20 -11.72 39.70
C ILE B 109 16.47 -11.59 40.54
N LYS B 110 16.29 -11.38 41.84
CA LYS B 110 17.35 -11.36 42.83
C LYS B 110 17.49 -12.75 43.43
N ARG B 111 18.70 -13.29 43.39
CA ARG B 111 18.98 -14.64 43.87
C ARG B 111 20.14 -14.57 44.87
N THR B 112 20.56 -15.75 45.35
CA THR B 112 21.74 -15.80 46.21
C THR B 112 23.00 -15.59 45.38
N VAL B 113 24.07 -15.14 46.04
CA VAL B 113 25.31 -14.86 45.33
C VAL B 113 25.90 -16.16 44.80
N ALA B 114 26.24 -16.16 43.50
CA ALA B 114 26.89 -17.31 42.88
C ALA B 114 28.26 -16.89 42.38
N ALA B 115 29.16 -17.86 42.31
CA ALA B 115 30.57 -17.58 42.08
C ALA B 115 30.92 -17.84 40.62
N PRO B 116 31.68 -16.93 40.01
CA PRO B 116 32.02 -17.06 38.58
C PRO B 116 32.97 -18.22 38.36
N SER B 117 32.52 -19.24 37.63
CA SER B 117 33.46 -20.24 37.13
C SER B 117 34.26 -19.60 36.00
N VAL B 118 35.54 -19.29 36.24
CA VAL B 118 36.36 -18.62 35.25
C VAL B 118 37.09 -19.64 34.38
N PHE B 119 37.21 -19.33 33.09
CA PHE B 119 37.93 -20.13 32.10
C PHE B 119 38.72 -19.18 31.20
N ILE B 120 39.81 -19.68 30.63
CA ILE B 120 40.58 -18.94 29.63
C ILE B 120 40.65 -19.79 28.37
N PHE B 121 40.47 -19.17 27.21
CA PHE B 121 40.58 -19.83 25.93
C PHE B 121 41.64 -19.14 25.08
N PRO B 122 42.64 -19.87 24.61
CA PRO B 122 43.70 -19.30 23.79
C PRO B 122 43.28 -19.19 22.34
N PRO B 123 43.97 -18.35 21.55
CA PRO B 123 43.55 -18.11 20.17
C PRO B 123 43.55 -19.39 19.33
N SER B 124 42.81 -19.36 18.23
CA SER B 124 42.78 -20.49 17.33
C SER B 124 43.91 -20.39 16.31
N ASP B 125 44.37 -21.55 15.84
CA ASP B 125 45.36 -21.57 14.77
C ASP B 125 44.80 -20.93 13.51
N GLU B 126 43.56 -21.28 13.13
CA GLU B 126 42.94 -20.69 11.96
C GLU B 126 42.93 -19.18 12.03
N GLN B 127 42.69 -18.63 13.23
CA GLN B 127 42.65 -17.18 13.37
C GLN B 127 44.05 -16.59 13.25
N LEU B 128 45.04 -17.26 13.85
CA LEU B 128 46.41 -16.76 13.84
C LEU B 128 47.00 -16.73 12.43
N LYS B 129 46.63 -17.70 11.57
CA LYS B 129 47.03 -17.62 10.16
C LYS B 129 46.55 -16.35 9.49
N SER B 130 45.46 -15.75 9.96
CA SER B 130 44.98 -14.51 9.37
C SER B 130 45.71 -13.28 9.88
N GLY B 131 46.39 -13.39 11.02
CA GLY B 131 47.19 -12.32 11.55
C GLY B 131 46.63 -11.56 12.76
N THR B 132 45.61 -12.09 13.44
CA THR B 132 44.98 -11.40 14.56
C THR B 132 44.73 -12.41 15.65
N ALA B 133 45.16 -12.09 16.87
CA ALA B 133 45.03 -13.01 17.99
C ALA B 133 43.89 -12.55 18.90
N SER B 134 43.12 -13.53 19.39
CA SER B 134 41.97 -13.24 20.25
C SER B 134 42.01 -14.23 21.38
N VAL B 135 42.24 -13.74 22.60
CA VAL B 135 42.17 -14.56 23.82
C VAL B 135 40.88 -14.19 24.54
N VAL B 136 40.20 -15.19 25.08
CA VAL B 136 38.87 -14.94 25.64
C VAL B 136 38.75 -15.53 27.04
N CYS B 137 38.28 -14.71 27.97
CA CYS B 137 38.06 -15.10 29.35
C CYS B 137 36.55 -15.28 29.52
N LEU B 138 36.13 -16.48 29.94
CA LEU B 138 34.74 -16.81 30.21
C LEU B 138 34.48 -16.77 31.72
N LEU B 139 33.42 -16.08 32.13
CA LEU B 139 32.96 -16.04 33.52
C LEU B 139 31.55 -16.63 33.53
N ASN B 140 31.39 -17.87 33.94
CA ASN B 140 30.10 -18.55 33.80
C ASN B 140 29.32 -18.53 35.11
N ASN B 141 27.99 -18.30 34.99
CA ASN B 141 27.01 -18.71 36.00
C ASN B 141 27.28 -18.06 37.36
N PHE B 142 27.48 -16.75 37.33
CA PHE B 142 27.64 -15.97 38.54
C PHE B 142 26.45 -15.05 38.75
N TYR B 143 26.50 -14.30 39.86
CA TYR B 143 25.48 -13.35 40.30
C TYR B 143 26.04 -12.57 41.48
N PRO B 144 25.85 -11.24 41.55
CA PRO B 144 25.15 -10.24 40.74
C PRO B 144 25.96 -9.80 39.53
N ARG B 145 25.50 -8.79 38.82
CA ARG B 145 26.09 -8.47 37.52
C ARG B 145 27.53 -8.03 37.68
N GLU B 146 27.77 -6.89 38.31
CA GLU B 146 29.04 -6.21 38.15
C GLU B 146 30.17 -6.97 38.82
N ALA B 147 31.32 -6.90 38.18
CA ALA B 147 32.48 -7.73 38.40
C ALA B 147 33.42 -7.28 37.29
N LYS B 148 34.72 -7.13 37.55
CA LYS B 148 35.60 -6.52 36.57
C LYS B 148 36.65 -7.53 36.10
N VAL B 149 36.93 -7.48 34.80
CA VAL B 149 37.97 -8.31 34.20
C VAL B 149 38.98 -7.38 33.53
N GLN B 150 40.24 -7.51 33.92
CA GLN B 150 41.32 -6.73 33.30
C GLN B 150 42.40 -7.65 32.76
N TRP B 151 43.14 -7.14 31.77
CA TRP B 151 44.03 -7.97 30.98
C TRP B 151 45.48 -7.54 31.17
N LYS B 152 46.32 -8.52 31.42
CA LYS B 152 47.74 -8.26 31.58
C LYS B 152 48.52 -9.29 30.79
N VAL B 153 49.26 -8.82 29.77
CA VAL B 153 50.12 -9.69 28.98
C VAL B 153 51.56 -9.30 29.24
N ASP B 154 52.39 -10.32 29.50
CA ASP B 154 53.69 -10.12 30.11
C ASP B 154 53.54 -9.21 31.32
N ASN B 155 52.46 -9.43 32.09
CA ASN B 155 52.11 -8.63 33.26
C ASN B 155 52.22 -7.13 32.96
N ALA B 156 51.82 -6.73 31.76
CA ALA B 156 51.65 -5.32 31.39
C ALA B 156 50.18 -5.06 31.10
N LEU B 157 49.65 -4.00 31.70
CA LEU B 157 48.23 -3.67 31.61
C LEU B 157 47.88 -3.27 30.19
N GLN B 158 46.84 -3.88 29.65
CA GLN B 158 46.49 -3.47 28.34
C GLN B 158 45.30 -2.59 28.41
N SER B 159 45.20 -1.69 27.48
CA SER B 159 44.07 -0.82 27.48
C SER B 159 43.71 -0.41 26.09
N GLY B 160 42.45 -0.11 25.94
CA GLY B 160 41.90 0.34 24.67
C GLY B 160 42.00 -0.76 23.70
N ASN B 161 41.66 -1.94 24.11
CA ASN B 161 41.79 -3.05 23.23
C ASN B 161 40.89 -4.15 23.67
N SER B 162 40.00 -3.90 24.59
CA SER B 162 39.18 -4.98 25.06
C SER B 162 37.72 -4.84 24.88
N GLN B 163 37.06 -5.86 24.35
CA GLN B 163 35.63 -5.87 24.23
C GLN B 163 35.14 -6.74 25.34
N GLU B 164 33.99 -6.45 25.86
CA GLU B 164 33.37 -7.15 26.97
C GLU B 164 31.87 -7.27 26.73
N SER B 165 31.28 -8.40 27.11
CA SER B 165 29.91 -8.68 26.73
C SER B 165 29.28 -9.66 27.72
N VAL B 166 28.04 -9.39 28.12
CA VAL B 166 27.41 -10.14 29.21
C VAL B 166 26.03 -10.59 28.77
N THR B 167 25.66 -11.82 29.12
CA THR B 167 24.32 -12.32 28.84
C THR B 167 23.30 -11.65 29.76
N GLU B 168 22.06 -12.10 29.64
CA GLU B 168 20.98 -11.73 30.55
C GLU B 168 20.73 -12.86 31.53
N GLN B 169 19.97 -12.56 32.57
CA GLN B 169 19.77 -13.55 33.63
C GLN B 169 19.23 -14.85 33.04
N ASP B 170 19.88 -15.96 33.38
CA ASP B 170 19.49 -17.24 32.86
C ASP B 170 18.08 -17.61 33.32
N SER B 171 17.36 -18.32 32.45
CA SER B 171 15.97 -18.62 32.74
C SER B 171 15.77 -19.72 33.79
N LYS B 172 16.81 -20.42 34.24
CA LYS B 172 16.54 -21.41 35.28
C LYS B 172 17.34 -21.24 36.55
N ASP B 173 18.52 -20.60 36.52
CA ASP B 173 19.24 -20.28 37.74
C ASP B 173 19.42 -18.78 37.95
N SER B 174 18.99 -17.96 36.99
CA SER B 174 18.93 -16.50 37.12
C SER B 174 20.30 -15.84 37.17
N THR B 175 21.31 -16.54 36.69
CA THR B 175 22.68 -16.06 36.73
C THR B 175 23.04 -15.34 35.44
N TYR B 176 24.17 -14.63 35.50
CA TYR B 176 24.81 -14.04 34.33
C TYR B 176 26.05 -14.84 33.94
N SER B 177 26.47 -14.66 32.70
CA SER B 177 27.77 -15.13 32.23
C SER B 177 28.39 -13.99 31.45
N LEU B 178 29.70 -14.05 31.26
CA LEU B 178 30.35 -12.91 30.62
C LEU B 178 31.57 -13.37 29.83
N SER B 179 31.83 -12.65 28.74
CA SER B 179 32.99 -12.86 27.88
C SER B 179 33.83 -11.58 27.90
N SER B 180 35.13 -11.75 28.06
CA SER B 180 36.10 -10.68 27.84
C SER B 180 37.02 -11.12 26.72
N THR B 181 37.10 -10.35 25.66
CA THR B 181 37.95 -10.71 24.54
C THR B 181 39.07 -9.67 24.39
N LEU B 182 40.31 -10.13 24.60
CA LEU B 182 41.54 -9.41 24.28
C LEU B 182 41.88 -9.67 22.84
N THR B 183 41.85 -8.63 22.00
CA THR B 183 42.24 -8.78 20.62
C THR B 183 43.52 -8.00 20.37
N LEU B 184 44.47 -8.66 19.71
CA LEU B 184 45.84 -8.19 19.52
C LEU B 184 46.25 -8.48 18.08
N SER B 185 47.33 -7.82 17.65
CA SER B 185 48.02 -8.26 16.46
C SER B 185 48.80 -9.53 16.78
N LYS B 186 48.80 -10.48 15.83
CA LYS B 186 49.49 -11.75 16.07
C LYS B 186 50.98 -11.51 16.30
N ALA B 187 51.52 -10.42 15.77
CA ALA B 187 52.86 -9.97 16.13
C ALA B 187 52.99 -9.84 17.64
N ASP B 188 52.18 -8.97 18.26
CA ASP B 188 52.22 -8.78 19.71
C ASP B 188 51.88 -10.07 20.46
N TYR B 189 51.07 -10.93 19.85
CA TYR B 189 50.77 -12.21 20.49
C TYR B 189 52.03 -13.06 20.58
N GLU B 190 52.86 -13.05 19.53
CA GLU B 190 54.04 -13.90 19.55
C GLU B 190 55.22 -13.24 20.26
N LYS B 191 55.29 -11.91 20.26
CA LYS B 191 56.36 -11.20 20.97
C LYS B 191 56.36 -11.56 22.45
N HIS B 192 55.21 -11.45 23.09
CA HIS B 192 55.05 -11.73 24.50
C HIS B 192 54.65 -13.17 24.71
N LYS B 193 54.57 -13.58 25.96
CA LYS B 193 54.31 -14.97 26.29
C LYS B 193 53.35 -15.15 27.46
N VAL B 194 53.38 -14.26 28.45
CA VAL B 194 52.49 -14.33 29.60
C VAL B 194 51.12 -13.77 29.24
N TYR B 195 50.05 -14.52 29.51
CA TYR B 195 48.70 -14.12 29.14
C TYR B 195 47.76 -14.33 30.32
N ALA B 196 47.23 -13.23 30.88
CA ALA B 196 46.52 -13.28 32.16
C ALA B 196 45.25 -12.43 32.14
N CYS B 197 44.13 -13.00 32.62
CA CYS B 197 42.92 -12.21 32.84
C CYS B 197 42.66 -12.03 34.33
N GLU B 198 42.34 -10.77 34.70
CA GLU B 198 42.14 -10.29 36.06
C GLU B 198 40.66 -10.36 36.41
N VAL B 199 40.24 -11.26 37.32
CA VAL B 199 38.81 -11.23 37.67
C VAL B 199 38.62 -10.47 38.98
N THR B 200 37.41 -9.94 39.22
CA THR B 200 37.15 -9.16 40.46
C THR B 200 35.66 -9.21 40.82
N HIS B 201 35.17 -10.39 41.18
CA HIS B 201 33.76 -10.56 41.51
C HIS B 201 33.57 -10.43 43.01
N GLN B 202 32.43 -9.88 43.43
CA GLN B 202 32.16 -9.88 44.86
C GLN B 202 31.59 -11.22 45.29
N GLY B 203 32.27 -12.30 44.90
CA GLY B 203 31.95 -13.62 45.38
C GLY B 203 33.22 -14.39 45.67
N LEU B 204 34.36 -13.76 45.38
CA LEU B 204 35.66 -14.41 45.48
C LEU B 204 36.47 -13.74 46.59
N SER B 205 37.18 -14.58 47.35
CA SER B 205 38.10 -14.12 48.38
C SER B 205 38.89 -12.91 47.90
N SER B 206 39.61 -13.09 46.80
CA SER B 206 40.44 -12.08 46.16
C SER B 206 40.56 -12.47 44.70
N PRO B 207 40.80 -11.50 43.81
CA PRO B 207 40.86 -11.77 42.36
C PRO B 207 41.47 -13.10 41.92
N VAL B 208 40.66 -13.94 41.28
CA VAL B 208 41.20 -15.12 40.62
C VAL B 208 41.73 -14.70 39.25
N THR B 209 42.91 -15.18 38.91
CA THR B 209 43.44 -15.01 37.58
C THR B 209 43.49 -16.37 36.93
N LYS B 210 42.84 -16.48 35.78
CA LYS B 210 43.15 -17.62 34.94
C LYS B 210 44.01 -17.12 33.80
N SER B 211 44.84 -18.03 33.29
CA SER B 211 45.97 -17.57 32.51
C SER B 211 46.63 -18.76 31.85
N PHE B 212 47.47 -18.44 30.86
CA PHE B 212 48.31 -19.42 30.19
C PHE B 212 49.51 -18.68 29.59
N ASN B 213 50.43 -19.46 29.04
CA ASN B 213 51.62 -19.01 28.32
C ASN B 213 51.93 -20.04 27.25
N ARG B 214 51.96 -19.60 25.98
CA ARG B 214 51.92 -20.49 24.80
C ARG B 214 51.33 -21.87 25.04
N GLU C 1 -16.62 24.20 -9.34
CA GLU C 1 -16.33 23.21 -10.38
C GLU C 1 -16.02 21.86 -9.72
N VAL C 2 -15.85 20.83 -10.55
CA VAL C 2 -15.34 19.55 -10.10
C VAL C 2 -13.84 19.56 -10.33
N GLN C 3 -13.05 19.34 -9.27
CA GLN C 3 -11.61 19.49 -9.38
C GLN C 3 -10.90 18.37 -8.63
N LEU C 4 -9.78 17.92 -9.20
CA LEU C 4 -8.93 16.89 -8.63
C LEU C 4 -7.50 17.40 -8.66
N VAL C 5 -6.88 17.60 -7.50
CA VAL C 5 -5.55 18.19 -7.41
C VAL C 5 -4.60 17.14 -6.85
N GLU C 6 -3.51 16.89 -7.55
CA GLU C 6 -2.56 15.83 -7.23
C GLU C 6 -1.30 16.37 -6.59
N SER C 7 -0.57 15.49 -5.89
CA SER C 7 0.38 16.10 -4.96
C SER C 7 1.80 15.52 -4.92
N GLY C 8 1.98 14.20 -4.81
CA GLY C 8 3.29 13.73 -4.36
C GLY C 8 4.37 13.28 -5.36
N GLY C 9 4.37 13.79 -6.59
CA GLY C 9 5.34 13.34 -7.58
C GLY C 9 6.73 13.89 -7.30
N GLY C 10 7.70 13.43 -8.09
CA GLY C 10 9.06 13.91 -7.96
C GLY C 10 10.07 12.83 -8.24
N LEU C 11 11.29 13.08 -7.77
CA LEU C 11 12.42 12.17 -7.93
C LEU C 11 12.38 11.11 -6.83
N VAL C 12 12.36 9.84 -7.22
CA VAL C 12 12.42 8.73 -6.28
C VAL C 12 13.50 7.77 -6.76
N GLN C 13 14.27 7.27 -5.79
CA GLN C 13 15.34 6.35 -6.06
C GLN C 13 14.78 5.02 -6.57
N PRO C 14 15.54 4.32 -7.38
CA PRO C 14 15.12 2.97 -7.79
C PRO C 14 15.04 2.04 -6.59
N GLY C 15 14.00 1.20 -6.55
CA GLY C 15 13.70 0.42 -5.36
C GLY C 15 12.93 1.19 -4.30
N GLY C 16 12.70 2.48 -4.49
CA GLY C 16 11.95 3.29 -3.55
C GLY C 16 10.46 3.14 -3.74
N SER C 17 9.74 4.08 -3.15
CA SER C 17 8.29 4.04 -3.10
C SER C 17 7.77 5.41 -3.49
N LEU C 18 6.59 5.44 -4.06
CA LEU C 18 5.91 6.69 -4.31
C LEU C 18 4.62 6.69 -3.53
N ARG C 19 4.25 7.86 -3.05
CA ARG C 19 2.94 8.08 -2.44
CA ARG C 19 2.94 8.08 -2.44
C ARG C 19 2.34 9.30 -3.11
N LEU C 20 1.30 9.08 -3.89
CA LEU C 20 0.62 10.15 -4.60
C LEU C 20 -0.70 10.45 -3.93
N SER C 21 -1.05 11.73 -3.88
CA SER C 21 -2.33 12.16 -3.38
C SER C 21 -3.17 12.78 -4.48
N CYS C 22 -4.47 12.54 -4.37
CA CYS C 22 -5.49 13.08 -5.25
C CYS C 22 -6.59 13.62 -4.35
N ALA C 23 -6.70 14.94 -4.25
CA ALA C 23 -7.70 15.55 -3.39
C ALA C 23 -8.84 16.09 -4.24
N ALA C 24 -10.06 15.79 -3.85
CA ALA C 24 -11.25 16.02 -4.64
C ALA C 24 -12.05 17.17 -4.05
N SER C 25 -12.44 18.10 -4.91
CA SER C 25 -13.23 19.27 -4.54
C SER C 25 -14.45 19.33 -5.45
N GLY C 26 -15.61 19.55 -4.87
CA GLY C 26 -16.84 19.63 -5.63
C GLY C 26 -17.69 18.38 -5.60
N PHE C 27 -17.22 17.31 -4.96
CA PHE C 27 -17.96 16.06 -4.94
C PHE C 27 -17.41 15.18 -3.82
N SER C 28 -18.12 14.09 -3.56
CA SER C 28 -17.79 13.19 -2.46
C SER C 28 -17.34 11.83 -2.99
N LEU C 29 -16.30 11.29 -2.34
CA LEU C 29 -15.84 9.94 -2.64
C LEU C 29 -16.87 8.89 -2.27
N SER C 30 -17.85 9.22 -1.43
CA SER C 30 -18.88 8.24 -1.18
C SER C 30 -19.88 8.11 -2.32
N SER C 31 -19.82 8.99 -3.32
CA SER C 31 -20.68 8.90 -4.48
C SER C 31 -19.94 8.66 -5.78
N TYR C 32 -18.63 8.93 -5.83
CA TYR C 32 -17.85 8.78 -7.05
C TYR C 32 -16.54 8.07 -6.71
N GLY C 33 -16.29 6.96 -7.38
CA GLY C 33 -15.00 6.32 -7.32
C GLY C 33 -13.97 7.08 -8.15
N VAL C 34 -12.73 6.61 -8.05
CA VAL C 34 -11.58 7.33 -8.55
C VAL C 34 -10.59 6.30 -9.06
N THR C 35 -10.04 6.56 -10.23
CA THR C 35 -9.07 5.68 -10.87
C THR C 35 -7.71 6.35 -10.85
N TRP C 36 -6.68 5.52 -10.97
CA TRP C 36 -5.33 5.99 -11.20
C TRP C 36 -4.88 5.40 -12.52
N VAL C 37 -4.27 6.26 -13.35
CA VAL C 37 -3.85 5.93 -14.71
C VAL C 37 -2.47 6.54 -14.90
N ARG C 38 -1.54 5.81 -15.48
CA ARG C 38 -0.25 6.42 -15.74
C ARG C 38 0.11 6.34 -17.23
N GLN C 39 1.03 7.21 -17.65
CA GLN C 39 1.46 7.32 -19.03
C GLN C 39 2.95 7.59 -19.09
N ALA C 40 3.69 6.65 -19.65
CA ALA C 40 5.12 6.93 -19.81
C ALA C 40 5.32 7.87 -20.99
N PRO C 41 6.37 8.71 -20.93
CA PRO C 41 6.65 9.64 -22.03
C PRO C 41 6.50 9.00 -23.40
N GLY C 42 5.71 9.59 -24.30
CA GLY C 42 5.59 9.05 -25.64
C GLY C 42 4.74 7.80 -25.79
N LYS C 43 4.11 7.31 -24.72
CA LYS C 43 3.42 6.02 -24.78
C LYS C 43 1.94 6.17 -24.51
N GLY C 44 1.25 5.05 -24.38
CA GLY C 44 -0.18 5.05 -24.18
C GLY C 44 -0.61 5.07 -22.70
N LEU C 45 -1.92 5.18 -22.50
CA LEU C 45 -2.46 5.23 -21.15
C LEU C 45 -2.44 3.83 -20.56
N GLU C 46 -1.85 3.66 -19.37
CA GLU C 46 -1.87 2.38 -18.68
CA GLU C 46 -1.86 2.37 -18.67
C GLU C 46 -2.68 2.51 -17.39
N TRP C 47 -3.77 1.78 -17.32
CA TRP C 47 -4.62 1.80 -16.14
C TRP C 47 -3.93 1.12 -14.95
N ILE C 48 -3.88 1.80 -13.80
CA ILE C 48 -3.29 1.22 -12.59
C ILE C 48 -4.35 0.55 -11.76
N GLY C 49 -5.45 1.26 -11.53
CA GLY C 49 -6.57 0.61 -10.88
C GLY C 49 -7.57 1.66 -10.44
N TYR C 50 -8.46 1.28 -9.52
CA TYR C 50 -9.43 2.26 -9.04
C TYR C 50 -10.00 1.83 -7.70
N ILE C 51 -10.76 2.73 -7.10
CA ILE C 51 -11.38 2.53 -5.79
C ILE C 51 -12.83 3.00 -5.85
N THR C 52 -13.73 2.14 -5.37
CA THR C 52 -15.17 2.29 -5.49
C THR C 52 -15.69 3.41 -4.60
N SER C 53 -16.99 3.69 -4.76
CA SER C 53 -17.64 4.79 -4.08
CA SER C 53 -17.65 4.79 -4.08
C SER C 53 -18.23 4.38 -2.73
N ASN C 54 -18.95 3.26 -2.68
CA ASN C 54 -19.65 2.95 -1.45
C ASN C 54 -18.72 2.41 -0.39
N TYR C 55 -17.93 1.39 -0.71
CA TYR C 55 -17.11 0.72 0.29
C TYR C 55 -15.62 0.92 0.10
N GLY C 56 -15.22 1.78 -0.83
CA GLY C 56 -13.79 1.94 -1.09
C GLY C 56 -13.07 0.62 -1.30
N VAL C 57 -13.66 -0.27 -2.09
CA VAL C 57 -12.98 -1.50 -2.48
C VAL C 57 -12.04 -1.16 -3.62
N SER C 58 -10.84 -1.74 -3.60
CA SER C 58 -9.82 -1.42 -4.58
C SER C 58 -9.67 -2.56 -5.57
N TYR C 59 -9.51 -2.19 -6.85
CA TYR C 59 -9.29 -3.11 -7.96
C TYR C 59 -8.02 -2.69 -8.69
N TYR C 60 -7.22 -3.65 -9.12
CA TYR C 60 -5.89 -3.41 -9.65
C TYR C 60 -5.71 -4.04 -11.02
N ALA C 61 -4.94 -3.36 -11.87
CA ALA C 61 -4.40 -4.04 -13.05
C ALA C 61 -3.55 -5.21 -12.60
N SER C 62 -3.68 -6.32 -13.33
CA SER C 62 -2.92 -7.52 -13.04
C SER C 62 -1.46 -7.20 -12.70
N TRP C 63 -0.78 -6.42 -13.54
CA TRP C 63 0.64 -6.14 -13.33
C TRP C 63 0.92 -5.29 -12.10
N ALA C 64 -0.08 -4.63 -11.52
CA ALA C 64 0.14 -3.72 -10.41
C ALA C 64 -0.29 -4.27 -9.07
N LYS C 65 -0.92 -5.46 -9.04
CA LYS C 65 -1.51 -5.97 -7.82
C LYS C 65 -0.48 -6.07 -6.71
N SER C 66 0.70 -6.59 -7.04
CA SER C 66 1.67 -6.94 -6.02
C SER C 66 2.28 -5.71 -5.37
N ARG C 67 2.60 -4.65 -6.12
CA ARG C 67 3.37 -3.53 -5.58
C ARG C 67 2.54 -2.30 -5.28
N SER C 68 1.31 -2.22 -5.76
CA SER C 68 0.53 -1.00 -5.64
C SER C 68 -0.57 -1.19 -4.61
N THR C 69 -0.97 -0.08 -4.02
CA THR C 69 -2.17 -0.09 -3.21
C THR C 69 -2.82 1.27 -3.35
N ILE C 70 -4.15 1.28 -3.40
CA ILE C 70 -4.93 2.50 -3.59
C ILE C 70 -5.84 2.60 -2.39
N SER C 71 -5.98 3.81 -1.84
CA SER C 71 -6.72 3.95 -0.59
C SER C 71 -7.38 5.32 -0.57
N ARG C 72 -8.24 5.54 0.42
CA ARG C 72 -8.97 6.79 0.54
C ARG C 72 -8.99 7.22 1.99
N ASP C 73 -8.98 8.53 2.21
CA ASP C 73 -9.35 9.16 3.48
C ASP C 73 -10.65 9.93 3.21
N THR C 74 -11.77 9.34 3.63
CA THR C 74 -13.07 9.93 3.31
C THR C 74 -13.23 11.30 3.96
N SER C 75 -12.74 11.45 5.20
CA SER C 75 -12.83 12.73 5.89
C SER C 75 -12.03 13.81 5.18
N LYS C 76 -10.88 13.48 4.63
CA LYS C 76 -10.11 14.41 3.80
C LYS C 76 -10.55 14.42 2.35
N ASN C 77 -11.49 13.56 1.96
CA ASN C 77 -11.97 13.50 0.58
C ASN C 77 -10.81 13.34 -0.38
N THR C 78 -9.91 12.41 -0.05
CA THR C 78 -8.66 12.26 -0.77
C THR C 78 -8.42 10.78 -1.07
N VAL C 79 -7.81 10.52 -2.22
CA VAL C 79 -7.46 9.18 -2.66
C VAL C 79 -5.94 9.13 -2.78
N TYR C 80 -5.37 7.97 -2.51
CA TYR C 80 -3.93 7.79 -2.50
C TYR C 80 -3.54 6.62 -3.39
N LEU C 81 -2.38 6.73 -4.02
CA LEU C 81 -1.74 5.61 -4.69
C LEU C 81 -0.37 5.44 -4.05
N GLN C 82 -0.09 4.26 -3.54
CA GLN C 82 1.24 3.94 -3.06
C GLN C 82 1.78 2.84 -3.94
N MET C 83 3.07 2.92 -4.24
CA MET C 83 3.73 1.86 -4.99
C MET C 83 5.11 1.65 -4.43
N GLY C 84 5.47 0.38 -4.18
CA GLY C 84 6.77 0.02 -3.63
C GLY C 84 7.75 -0.52 -4.66
N SER C 85 9.04 -0.51 -4.28
CA SER C 85 10.15 -0.98 -5.11
C SER C 85 10.02 -0.58 -6.59
N LEU C 86 10.32 0.69 -6.91
CA LEU C 86 10.08 1.23 -8.24
C LEU C 86 11.21 0.91 -9.23
N ARG C 87 10.85 0.87 -10.50
CA ARG C 87 11.78 0.57 -11.59
C ARG C 87 11.64 1.65 -12.64
N ALA C 88 12.55 1.62 -13.62
CA ALA C 88 12.42 2.50 -14.79
C ALA C 88 11.00 2.54 -15.33
N GLU C 89 10.37 1.37 -15.52
CA GLU C 89 9.03 1.32 -16.11
C GLU C 89 8.03 2.16 -15.33
N ASP C 90 8.24 2.36 -14.02
CA ASP C 90 7.32 3.17 -13.24
C ASP C 90 7.50 4.65 -13.44
N MET C 91 8.51 5.06 -14.21
CA MET C 91 8.70 6.45 -14.55
C MET C 91 7.59 6.89 -15.50
N ALA C 92 6.77 7.86 -15.07
CA ALA C 92 5.68 8.28 -15.95
C ALA C 92 4.97 9.48 -15.34
N VAL C 93 3.95 9.95 -16.06
CA VAL C 93 3.02 10.93 -15.53
C VAL C 93 1.85 10.16 -14.95
N TYR C 94 1.52 10.44 -13.69
CA TYR C 94 0.46 9.75 -12.96
C TYR C 94 -0.74 10.69 -12.86
N TYR C 95 -1.91 10.19 -13.25
CA TYR C 95 -3.16 10.92 -13.20
C TYR C 95 -4.14 10.17 -12.29
N CYS C 96 -5.00 10.92 -11.63
CA CYS C 96 -6.20 10.31 -11.08
C CYS C 96 -7.37 10.87 -11.86
N ALA C 97 -8.51 10.20 -11.75
CA ALA C 97 -9.70 10.65 -12.49
C ALA C 97 -10.95 10.11 -11.81
N ARG C 98 -12.02 10.88 -11.89
CA ARG C 98 -13.31 10.52 -11.28
C ARG C 98 -14.15 9.70 -12.24
N GLU C 99 -14.79 8.66 -11.71
CA GLU C 99 -15.65 7.77 -12.48
C GLU C 99 -17.10 8.19 -12.30
N ASN C 100 -17.77 8.58 -13.40
CA ASN C 100 -19.15 9.06 -13.32
C ASN C 100 -20.12 7.93 -13.63
N PRO C 101 -20.89 7.43 -12.65
CA PRO C 101 -21.81 6.32 -12.93
C PRO C 101 -22.94 6.69 -13.90
N ASP C 102 -23.23 7.94 -14.02
CA ASP C 102 -24.20 8.32 -14.96
C ASP C 102 -23.65 8.20 -16.32
N TYR C 103 -22.34 8.14 -16.44
CA TYR C 103 -21.71 8.02 -17.73
C TYR C 103 -21.17 6.60 -17.84
N GLY C 104 -21.72 5.68 -17.07
CA GLY C 104 -21.20 4.34 -17.15
C GLY C 104 -19.82 4.15 -16.66
N TYR C 105 -19.51 4.87 -15.59
CA TYR C 105 -18.19 4.86 -14.99
C TYR C 105 -17.11 5.35 -15.96
N ALA C 106 -17.48 6.22 -16.90
CA ALA C 106 -16.45 6.89 -17.69
C ALA C 106 -15.70 7.94 -16.85
N TYR C 107 -14.54 8.36 -17.36
CA TYR C 107 -13.61 9.22 -16.61
C TYR C 107 -13.84 10.68 -16.97
N ASP C 108 -14.72 11.37 -16.24
CA ASP C 108 -15.15 12.67 -16.73
C ASP C 108 -14.33 13.85 -16.19
N ALA C 109 -13.56 13.66 -15.14
CA ALA C 109 -12.78 14.74 -14.55
C ALA C 109 -11.42 14.21 -14.15
N TRP C 110 -10.37 14.89 -14.59
CA TRP C 110 -9.00 14.44 -14.44
C TRP C 110 -8.21 15.43 -13.59
N GLY C 111 -7.19 14.90 -12.87
CA GLY C 111 -6.18 15.76 -12.29
C GLY C 111 -5.18 16.25 -13.33
N GLN C 112 -4.42 17.28 -12.94
CA GLN C 112 -3.34 17.84 -13.75
C GLN C 112 -2.28 16.82 -14.10
N GLY C 113 -2.20 15.72 -13.35
CA GLY C 113 -1.05 14.84 -13.47
C GLY C 113 0.13 15.29 -12.62
N THR C 114 0.83 14.32 -12.02
CA THR C 114 2.08 14.59 -11.32
C THR C 114 3.14 13.63 -11.86
N THR C 115 4.33 14.15 -12.06
CA THR C 115 5.40 13.44 -12.78
C THR C 115 6.27 12.71 -11.78
N VAL C 116 6.60 11.45 -12.07
CA VAL C 116 7.36 10.60 -11.17
C VAL C 116 8.55 10.08 -11.96
N THR C 117 9.76 10.39 -11.46
CA THR C 117 11.02 10.04 -12.09
C THR C 117 11.77 9.11 -11.15
N VAL C 118 12.34 8.05 -11.70
CA VAL C 118 13.03 7.05 -10.91
C VAL C 118 14.49 7.08 -11.33
N SER C 119 15.31 7.57 -10.45
CA SER C 119 16.71 7.70 -10.69
C SER C 119 17.41 7.89 -9.40
N SER C 120 18.69 7.68 -9.45
CA SER C 120 19.47 7.89 -8.29
C SER C 120 20.26 9.13 -8.41
N ALA C 121 20.13 9.86 -9.49
CA ALA C 121 20.95 11.02 -9.75
C ALA C 121 20.42 12.23 -9.08
N SER C 122 21.14 13.30 -9.14
CA SER C 122 20.70 14.48 -8.46
C SER C 122 20.02 15.41 -9.31
N THR C 123 19.29 16.28 -8.69
CA THR C 123 18.63 17.35 -9.43
C THR C 123 19.66 18.36 -9.93
N LYS C 124 19.64 18.64 -11.24
CA LYS C 124 20.56 19.59 -11.86
C LYS C 124 19.78 20.71 -12.52
N GLY C 125 20.02 21.97 -12.09
CA GLY C 125 19.39 23.11 -12.70
C GLY C 125 19.89 23.32 -14.13
N PRO C 126 19.17 24.10 -14.93
CA PRO C 126 19.51 24.24 -16.36
C PRO C 126 20.51 25.33 -16.69
N SER C 127 21.31 25.05 -17.72
CA SER C 127 22.19 26.05 -18.33
C SER C 127 21.49 26.68 -19.53
N VAL C 128 21.39 28.01 -19.55
CA VAL C 128 20.66 28.70 -20.61
C VAL C 128 21.63 29.54 -21.45
N PHE C 129 21.76 29.19 -22.73
CA PHE C 129 22.56 29.92 -23.70
C PHE C 129 21.68 30.58 -24.74
N PRO C 130 21.94 31.83 -25.11
CA PRO C 130 21.10 32.51 -26.11
C PRO C 130 21.38 32.02 -27.52
N LEU C 131 20.32 31.99 -28.34
CA LEU C 131 20.41 31.71 -29.77
C LEU C 131 20.16 33.02 -30.49
N ALA C 132 21.23 33.60 -31.03
CA ALA C 132 21.31 35.03 -31.30
C ALA C 132 20.79 35.35 -32.70
N PRO C 133 19.92 36.34 -32.82
CA PRO C 133 19.19 36.62 -34.07
C PRO C 133 19.92 37.58 -35.02
N SER C 134 21.09 37.17 -35.50
CA SER C 134 21.91 38.01 -36.39
C SER C 134 21.66 37.59 -37.83
N SER C 135 20.57 38.09 -38.40
CA SER C 135 20.22 37.91 -39.82
C SER C 135 20.45 36.50 -40.35
N SER C 139 14.55 36.84 -42.62
CA SER C 139 13.56 36.30 -43.53
C SER C 139 12.44 37.29 -43.77
N GLY C 140 12.67 38.21 -44.71
CA GLY C 140 11.66 39.17 -45.15
C GLY C 140 10.87 39.86 -44.06
N GLY C 141 11.56 40.63 -43.22
CA GLY C 141 10.88 41.27 -42.11
C GLY C 141 10.55 40.35 -40.95
N THR C 142 11.16 39.17 -40.90
CA THR C 142 11.00 38.27 -39.75
C THR C 142 12.32 37.57 -39.49
N ALA C 143 12.76 37.59 -38.23
CA ALA C 143 13.95 36.88 -37.79
C ALA C 143 13.60 35.99 -36.61
N ALA C 144 14.45 35.00 -36.36
CA ALA C 144 14.23 34.05 -35.29
C ALA C 144 15.27 34.25 -34.18
N LEU C 145 14.82 34.19 -32.93
CA LEU C 145 15.73 34.15 -31.77
C LEU C 145 15.33 33.00 -30.87
N GLY C 146 16.25 32.56 -30.01
CA GLY C 146 15.88 31.47 -29.12
C GLY C 146 16.76 31.32 -27.90
N CYS C 147 16.55 30.21 -27.20
CA CYS C 147 17.32 29.80 -26.03
C CYS C 147 17.60 28.30 -26.11
N LEU C 148 18.86 27.94 -26.01
CA LEU C 148 19.28 26.57 -25.78
C LEU C 148 19.29 26.34 -24.26
N VAL C 149 18.47 25.40 -23.78
CA VAL C 149 18.36 25.05 -22.36
C VAL C 149 18.96 23.67 -22.20
N LYS C 150 20.10 23.56 -21.51
CA LYS C 150 20.91 22.36 -21.54
C LYS C 150 21.26 21.89 -20.13
N ASP C 151 21.58 20.60 -20.03
CA ASP C 151 22.19 20.04 -18.83
C ASP C 151 21.31 20.16 -17.59
N TYR C 152 20.05 19.73 -17.70
CA TYR C 152 19.19 19.73 -16.52
C TYR C 152 18.64 18.33 -16.26
N PHE C 153 18.16 18.16 -15.01
CA PHE C 153 17.57 16.90 -14.55
C PHE C 153 16.83 17.09 -13.22
N PRO C 154 15.65 16.49 -13.05
CA PRO C 154 14.86 15.68 -13.97
C PRO C 154 14.08 16.59 -14.92
N GLU C 155 13.15 16.03 -15.68
CA GLU C 155 12.75 16.57 -16.98
C GLU C 155 11.78 17.76 -17.03
N PRO C 156 10.98 18.08 -16.04
CA PRO C 156 10.04 19.18 -16.27
C PRO C 156 10.69 20.56 -16.24
N VAL C 157 11.02 21.12 -17.41
CA VAL C 157 11.38 22.53 -17.51
C VAL C 157 10.30 23.23 -18.33
N THR C 158 9.87 24.38 -17.85
CA THR C 158 8.94 25.23 -18.60
C THR C 158 9.68 26.47 -19.09
N VAL C 159 9.41 26.84 -20.34
CA VAL C 159 10.05 27.97 -21.00
C VAL C 159 8.96 28.97 -21.36
N SER C 160 9.13 30.21 -20.91
CA SER C 160 8.26 31.28 -21.37
C SER C 160 9.11 32.38 -21.99
N TRP C 161 8.45 33.39 -22.56
CA TRP C 161 9.16 34.51 -23.19
C TRP C 161 8.57 35.83 -22.71
N ASN C 162 9.45 36.71 -22.23
CA ASN C 162 9.05 37.99 -21.64
C ASN C 162 7.93 37.81 -20.63
N SER C 163 8.07 36.78 -19.78
CA SER C 163 7.23 36.56 -18.60
C SER C 163 5.75 36.35 -18.95
N GLY C 164 5.48 35.75 -20.10
CA GLY C 164 4.12 35.41 -20.48
C GLY C 164 3.45 36.37 -21.45
N ALA C 165 4.21 37.26 -22.07
CA ALA C 165 3.69 38.27 -22.97
C ALA C 165 3.94 37.95 -24.44
N LEU C 166 5.08 37.34 -24.73
CA LEU C 166 5.35 36.84 -26.07
C LEU C 166 4.88 35.38 -26.13
N THR C 167 3.70 35.17 -26.68
CA THR C 167 3.13 33.84 -26.84
C THR C 167 3.10 33.37 -28.28
N SER C 168 2.84 34.27 -29.23
CA SER C 168 2.68 33.89 -30.62
C SER C 168 4.03 33.71 -31.31
N GLY C 169 4.11 32.69 -32.16
CA GLY C 169 5.36 32.38 -32.79
C GLY C 169 6.31 31.51 -32.00
N VAL C 170 5.93 31.11 -30.77
CA VAL C 170 6.83 30.31 -29.93
C VAL C 170 6.73 28.84 -30.30
N HIS C 171 7.88 28.20 -30.45
CA HIS C 171 7.99 26.76 -30.58
C HIS C 171 9.02 26.27 -29.56
N THR C 172 8.55 25.57 -28.53
CA THR C 172 9.42 24.93 -27.56
C THR C 172 9.51 23.44 -27.91
N PHE C 173 10.73 22.98 -28.18
CA PHE C 173 10.97 21.65 -28.69
C PHE C 173 10.97 20.61 -27.58
N PRO C 174 10.64 19.36 -27.93
CA PRO C 174 10.81 18.25 -26.97
C PRO C 174 12.26 18.17 -26.48
N ALA C 175 12.40 17.70 -25.24
CA ALA C 175 13.71 17.49 -24.64
C ALA C 175 14.23 16.11 -25.04
N VAL C 176 15.51 16.04 -25.38
CA VAL C 176 16.13 14.78 -25.78
C VAL C 176 17.15 14.37 -24.71
N LEU C 177 16.93 13.22 -24.09
CA LEU C 177 17.86 12.68 -23.11
C LEU C 177 19.25 12.50 -23.73
N GLN C 178 20.22 13.26 -23.26
CA GLN C 178 21.58 13.16 -23.76
C GLN C 178 22.28 11.93 -23.16
N SER C 179 23.44 11.61 -23.73
CA SER C 179 24.27 10.53 -23.19
C SER C 179 24.64 10.79 -21.73
N SER C 180 24.68 12.07 -21.33
CA SER C 180 25.03 12.47 -19.98
C SER C 180 23.97 12.12 -18.94
N GLY C 181 22.81 11.61 -19.36
CA GLY C 181 21.70 11.49 -18.44
C GLY C 181 21.02 12.81 -18.12
N LEU C 182 21.46 13.90 -18.72
CA LEU C 182 20.85 15.21 -18.59
C LEU C 182 20.09 15.56 -19.89
N TYR C 183 19.14 16.47 -19.76
CA TYR C 183 18.20 16.82 -20.81
C TYR C 183 18.55 18.16 -21.47
N SER C 184 18.09 18.33 -22.69
CA SER C 184 18.30 19.60 -23.36
C SER C 184 17.22 19.82 -24.40
N LEU C 185 16.79 21.07 -24.51
CA LEU C 185 15.88 21.47 -25.57
C LEU C 185 16.31 22.84 -26.06
N SER C 186 15.58 23.35 -27.05
CA SER C 186 15.64 24.74 -27.45
C SER C 186 14.22 25.31 -27.48
N SER C 187 14.13 26.62 -27.37
CA SER C 187 12.86 27.33 -27.48
C SER C 187 13.10 28.52 -28.39
N VAL C 188 12.33 28.64 -29.47
CA VAL C 188 12.56 29.69 -30.46
C VAL C 188 11.28 30.47 -30.74
N VAL C 189 11.46 31.71 -31.18
CA VAL C 189 10.33 32.56 -31.56
C VAL C 189 10.73 33.40 -32.78
N THR C 190 9.77 33.64 -33.66
CA THR C 190 9.98 34.49 -34.83
C THR C 190 9.35 35.85 -34.57
N VAL C 191 10.08 36.91 -34.91
CA VAL C 191 9.66 38.28 -34.59
C VAL C 191 9.98 39.19 -35.79
N PRO C 192 9.31 40.35 -35.83
CA PRO C 192 9.62 41.34 -36.86
C PRO C 192 11.03 41.92 -36.72
N SER C 193 11.80 41.88 -37.82
CA SER C 193 13.13 42.48 -37.82
C SER C 193 13.12 43.97 -37.50
N SER C 194 11.95 44.59 -37.27
CA SER C 194 11.85 46.03 -37.04
C SER C 194 11.99 46.43 -35.57
N SER C 195 11.91 45.47 -34.65
CA SER C 195 12.04 45.76 -33.23
C SER C 195 13.21 45.09 -32.54
N LEU C 196 14.12 44.40 -33.26
CA LEU C 196 15.21 43.69 -32.57
C LEU C 196 16.12 44.65 -31.82
N GLY C 197 16.26 45.87 -32.32
CA GLY C 197 16.94 46.91 -31.58
C GLY C 197 15.94 47.90 -31.04
N THR C 198 14.73 47.45 -30.68
CA THR C 198 13.77 48.32 -30.01
C THR C 198 13.13 47.60 -28.82
N GLN C 199 12.99 46.29 -28.92
CA GLN C 199 12.41 45.46 -27.88
C GLN C 199 13.47 44.51 -27.36
N THR C 200 13.58 44.38 -26.05
CA THR C 200 14.44 43.36 -25.48
C THR C 200 13.64 42.07 -25.32
N TYR C 201 14.29 40.95 -25.58
CA TYR C 201 13.64 39.65 -25.51
C TYR C 201 14.30 38.79 -24.43
N ILE C 202 13.47 38.26 -23.52
CA ILE C 202 13.92 37.47 -22.37
C ILE C 202 13.26 36.09 -22.38
N CYS C 203 14.05 35.04 -22.39
CA CYS C 203 13.47 33.73 -22.14
C CYS C 203 13.59 33.39 -20.65
N ASN C 204 12.49 32.89 -20.09
CA ASN C 204 12.33 32.55 -18.67
C ASN C 204 12.22 31.04 -18.52
N VAL C 205 13.28 30.40 -18.02
CA VAL C 205 13.35 28.96 -17.85
C VAL C 205 13.10 28.62 -16.39
N ASN C 206 12.01 27.92 -16.13
CA ASN C 206 11.61 27.55 -14.78
C ASN C 206 11.78 26.03 -14.64
N HIS C 207 12.65 25.61 -13.71
CA HIS C 207 12.89 24.21 -13.41
C HIS C 207 12.42 23.98 -11.97
N LYS C 208 11.12 23.69 -11.82
CA LYS C 208 10.56 23.42 -10.50
C LYS C 208 11.26 22.29 -9.76
N PRO C 209 11.69 21.19 -10.39
CA PRO C 209 12.39 20.13 -9.63
C PRO C 209 13.59 20.61 -8.82
N SER C 210 14.35 21.59 -9.30
CA SER C 210 15.44 22.15 -8.52
C SER C 210 15.07 23.51 -7.92
N ASN C 211 13.79 23.90 -8.03
CA ASN C 211 13.33 25.20 -7.55
C ASN C 211 14.16 26.33 -8.14
N THR C 212 14.56 26.18 -9.41
CA THR C 212 15.48 27.11 -10.04
C THR C 212 14.77 27.88 -11.15
N LYS C 213 15.19 29.12 -11.36
CA LYS C 213 14.62 29.97 -12.40
C LYS C 213 15.74 30.80 -13.01
N VAL C 214 15.88 30.75 -14.34
CA VAL C 214 16.91 31.46 -15.10
C VAL C 214 16.26 32.35 -16.17
N ASP C 215 16.70 33.61 -16.24
CA ASP C 215 16.17 34.57 -17.23
C ASP C 215 17.31 35.09 -18.07
N LYS C 216 17.38 34.67 -19.33
CA LYS C 216 18.48 35.09 -20.19
C LYS C 216 17.96 36.06 -21.25
N LYS C 217 18.77 37.07 -21.56
CA LYS C 217 18.41 38.06 -22.57
C LYS C 217 19.10 37.69 -23.87
N VAL C 218 18.33 37.68 -24.95
CA VAL C 218 18.82 37.38 -26.29
C VAL C 218 19.00 38.70 -27.03
N GLU C 219 20.23 38.97 -27.45
CA GLU C 219 20.54 40.19 -28.13
C GLU C 219 21.16 39.89 -29.49
N PRO C 220 20.89 40.70 -30.50
CA PRO C 220 21.53 40.49 -31.81
C PRO C 220 23.05 40.57 -31.70
N LYS C 221 23.72 39.77 -32.52
CA LYS C 221 25.18 39.77 -32.60
C LYS C 221 25.61 40.02 -34.05
N THR D 11 -44.01 4.13 28.06
CA THR D 11 -43.25 5.37 28.09
C THR D 11 -42.88 5.86 26.69
N GLN D 12 -41.65 6.39 26.58
CA GLN D 12 -41.02 7.07 25.44
C GLN D 12 -41.68 8.41 25.14
N PRO D 13 -41.68 9.34 26.10
CA PRO D 13 -42.31 10.65 25.86
C PRO D 13 -41.49 11.57 24.98
N TRP D 14 -40.25 11.21 24.68
CA TRP D 14 -39.36 11.97 23.80
C TRP D 14 -39.43 11.52 22.35
N GLN D 15 -40.14 10.45 22.05
CA GLN D 15 -40.12 9.89 20.71
C GLN D 15 -40.99 10.70 19.77
N ALA D 16 -40.51 10.90 18.55
CA ALA D 16 -41.23 11.69 17.57
C ALA D 16 -41.08 11.03 16.20
N ALA D 17 -42.05 11.28 15.33
CA ALA D 17 -42.09 10.71 13.99
C ALA D 17 -41.96 11.81 12.94
N LEU D 18 -41.13 11.58 11.92
CA LEU D 18 -41.09 12.51 10.79
C LEU D 18 -41.95 11.93 9.68
N LEU D 19 -42.90 12.71 9.20
CA LEU D 19 -43.86 12.24 8.21
C LEU D 19 -43.63 12.95 6.89
N LEU D 20 -43.83 12.21 5.85
CA LEU D 20 -43.87 12.76 4.52
C LEU D 20 -45.34 12.90 4.15
N ARG D 21 -45.66 13.59 3.08
CA ARG D 21 -47.05 13.74 2.71
C ARG D 21 -47.84 12.48 2.50
N PRO D 22 -48.87 12.24 3.30
CA PRO D 22 -49.36 12.70 4.59
C PRO D 22 -49.16 11.71 5.72
N ASN D 23 -49.05 10.41 5.53
CA ASN D 23 -48.83 9.54 6.65
C ASN D 23 -47.68 8.68 6.24
N GLN D 24 -46.90 9.22 5.35
CA GLN D 24 -45.71 8.46 4.96
C GLN D 24 -44.70 8.56 6.09
N LEU D 25 -44.86 7.69 7.09
CA LEU D 25 -43.88 7.56 8.15
C LEU D 25 -42.53 7.15 7.57
N TYR D 26 -41.46 7.77 8.07
CA TYR D 26 -40.13 7.46 7.55
C TYR D 26 -38.92 7.52 8.50
N CYS D 27 -38.86 8.46 9.44
CA CYS D 27 -37.68 8.58 10.28
C CYS D 27 -38.11 8.94 11.67
N GLY D 28 -37.33 8.54 12.66
CA GLY D 28 -37.67 8.87 13.99
C GLY D 28 -36.90 10.06 14.42
N ALA D 29 -37.27 10.64 15.52
CA ALA D 29 -36.49 11.76 16.05
C ALA D 29 -36.74 11.77 17.55
N VAL D 30 -35.85 12.45 18.27
CA VAL D 30 -35.88 12.49 19.72
C VAL D 30 -35.89 13.94 20.18
N LEU D 31 -36.88 14.29 20.99
CA LEU D 31 -36.94 15.62 21.58
C LEU D 31 -35.80 15.78 22.59
N VAL D 32 -34.86 16.68 22.29
CA VAL D 32 -33.67 16.86 23.11
C VAL D 32 -33.81 18.10 23.98
N HIS D 33 -34.51 19.11 23.47
CA HIS D 33 -34.93 20.28 24.23
C HIS D 33 -36.38 20.53 23.85
N PRO D 34 -37.08 21.40 24.59
CA PRO D 34 -38.52 21.58 24.32
C PRO D 34 -38.84 22.10 22.94
N GLN D 35 -37.90 22.70 22.20
CA GLN D 35 -38.18 23.10 20.82
C GLN D 35 -37.23 22.46 19.82
N TRP D 36 -36.55 21.38 20.19
CA TRP D 36 -35.49 20.83 19.37
C TRP D 36 -35.59 19.32 19.29
N LEU D 37 -35.47 18.80 18.07
CA LEU D 37 -35.36 17.39 17.78
C LEU D 37 -33.96 17.07 17.30
N LEU D 38 -33.53 15.85 17.56
CA LEU D 38 -32.32 15.29 16.99
C LEU D 38 -32.71 14.06 16.19
N THR D 39 -32.00 13.83 15.09
CA THR D 39 -32.28 12.66 14.27
C THR D 39 -31.03 12.37 13.44
N ALA D 40 -31.11 11.36 12.59
CA ALA D 40 -29.97 11.00 11.74
C ALA D 40 -29.88 11.90 10.50
N ALA D 41 -28.69 11.87 9.88
CA ALA D 41 -28.41 12.75 8.74
C ALA D 41 -29.14 12.30 7.47
N HIS D 42 -29.24 11.00 7.23
CA HIS D 42 -29.90 10.55 6.00
C HIS D 42 -31.40 10.80 6.01
N CYS D 43 -31.90 11.50 7.03
CA CYS D 43 -33.31 11.85 7.11
C CYS D 43 -33.50 13.29 6.59
N ARG D 44 -32.50 13.82 5.91
CA ARG D 44 -32.54 15.18 5.38
C ARG D 44 -33.52 15.26 4.22
N LYS D 45 -34.79 15.33 4.55
CA LYS D 45 -35.79 15.71 3.57
C LYS D 45 -36.03 17.21 3.72
N LYS D 46 -36.16 17.90 2.58
CA LYS D 46 -36.41 19.33 2.62
C LYS D 46 -37.89 19.65 2.82
N VAL D 47 -38.72 18.62 2.99
CA VAL D 47 -40.15 18.78 3.23
C VAL D 47 -40.64 17.68 4.18
N PHE D 48 -40.97 18.04 5.41
CA PHE D 48 -41.53 17.04 6.32
C PHE D 48 -42.45 17.72 7.32
N ARG D 49 -43.25 16.90 7.98
CA ARG D 49 -44.06 17.29 9.14
C ARG D 49 -43.60 16.46 10.34
N VAL D 50 -43.95 16.90 11.55
CA VAL D 50 -43.49 16.27 12.77
C VAL D 50 -44.69 15.84 13.60
N ARG D 51 -44.68 14.59 14.04
CA ARG D 51 -45.65 14.09 15.00
C ARG D 51 -44.93 13.88 16.33
N LEU D 52 -45.28 14.69 17.33
CA LEU D 52 -44.75 14.50 18.68
C LEU D 52 -45.85 14.05 19.61
N GLN D 65 -51.30 14.31 21.39
CA GLN D 65 -50.01 14.64 20.79
C GLN D 65 -50.19 15.84 19.88
N GLN D 66 -49.08 16.38 19.38
CA GLN D 66 -49.07 17.63 18.64
C GLN D 66 -48.43 17.41 17.28
N MET D 67 -48.85 18.21 16.31
CA MET D 67 -48.43 18.08 14.91
C MET D 67 -47.78 19.40 14.47
N PHE D 68 -46.48 19.37 14.20
CA PHE D 68 -45.66 20.55 13.96
C PHE D 68 -44.97 20.53 12.61
N GLN D 69 -44.20 21.59 12.38
CA GLN D 69 -43.48 21.81 11.13
C GLN D 69 -42.03 22.15 11.46
N GLY D 70 -41.11 21.73 10.59
CA GLY D 70 -39.73 22.16 10.75
C GLY D 70 -39.61 23.64 10.45
N VAL D 71 -38.67 24.29 11.14
CA VAL D 71 -38.34 25.69 10.90
C VAL D 71 -36.85 25.89 10.70
N LYS D 72 -36.02 24.92 11.09
CA LYS D 72 -34.60 24.93 10.79
C LYS D 72 -34.09 23.50 10.83
N SER D 73 -33.24 23.14 9.85
CA SER D 73 -32.52 21.89 9.82
C SER D 73 -31.05 22.19 9.56
N ILE D 74 -30.16 21.55 10.31
CA ILE D 74 -28.73 21.66 10.02
C ILE D 74 -28.47 21.17 8.60
N SER D 85 -23.01 19.18 9.25
CA SER D 85 -22.47 17.92 9.77
C SER D 85 -23.10 16.74 9.05
N ASN D 86 -22.36 15.64 8.96
CA ASN D 86 -22.77 14.49 8.15
C ASN D 86 -23.14 13.28 8.98
N ASP D 87 -23.21 13.42 10.30
CA ASP D 87 -23.53 12.31 11.18
C ASP D 87 -24.90 12.42 11.85
N LEU D 88 -25.32 13.60 12.28
CA LEU D 88 -26.64 13.73 12.87
C LEU D 88 -27.23 15.06 12.39
N MET D 89 -28.54 15.24 12.60
CA MET D 89 -29.25 16.43 12.16
C MET D 89 -30.13 16.98 13.27
N LEU D 90 -30.02 18.28 13.53
CA LEU D 90 -30.89 18.96 14.48
C LEU D 90 -32.03 19.63 13.72
N ILE D 91 -33.23 19.53 14.29
CA ILE D 91 -34.45 20.12 13.73
C ILE D 91 -35.05 21.05 14.78
N LYS D 92 -35.22 22.32 14.45
CA LYS D 92 -35.91 23.25 15.33
C LYS D 92 -37.41 23.27 15.00
N LEU D 93 -38.23 23.09 16.02
CA LEU D 93 -39.68 22.99 15.83
C LEU D 93 -40.32 24.38 15.81
N ASN D 94 -41.45 24.49 15.11
CA ASN D 94 -42.15 25.78 15.04
C ASN D 94 -42.66 26.21 16.42
N ARG D 95 -43.10 25.26 17.25
CA ARG D 95 -43.61 25.56 18.58
C ARG D 95 -42.71 24.94 19.64
N ARG D 96 -42.51 25.68 20.72
CA ARG D 96 -41.91 25.14 21.94
C ARG D 96 -42.99 24.44 22.73
N ILE D 97 -42.79 23.19 23.02
CA ILE D 97 -43.80 22.41 23.73
C ILE D 97 -43.57 22.55 25.23
N ARG D 98 -44.68 22.65 25.97
CA ARG D 98 -44.64 22.70 27.42
C ARG D 98 -44.36 21.29 27.95
N PRO D 99 -43.24 21.08 28.63
CA PRO D 99 -42.93 19.73 29.12
C PRO D 99 -44.03 19.14 29.99
N THR D 100 -44.58 18.02 29.51
CA THR D 100 -45.71 17.27 30.05
C THR D 100 -45.18 15.95 30.61
N LYS D 101 -46.06 14.97 30.79
CA LYS D 101 -45.69 13.59 31.04
C LYS D 101 -45.81 12.72 29.81
N ASP D 102 -46.67 13.08 28.85
CA ASP D 102 -46.75 12.38 27.57
C ASP D 102 -45.73 12.92 26.58
N VAL D 103 -45.24 14.14 26.75
CA VAL D 103 -44.21 14.73 25.89
C VAL D 103 -43.22 15.47 26.77
N ARG D 104 -41.99 14.97 26.83
CA ARG D 104 -40.98 15.68 27.56
C ARG D 104 -39.66 15.35 26.87
N PRO D 105 -38.68 16.25 26.92
CA PRO D 105 -37.39 15.98 26.28
C PRO D 105 -36.51 15.08 27.12
N ILE D 106 -35.41 14.62 26.48
CA ILE D 106 -34.41 13.78 27.11
C ILE D 106 -33.05 14.44 26.96
N ASN D 107 -32.26 14.41 28.01
CA ASN D 107 -30.96 15.03 28.00
C ASN D 107 -29.97 14.18 27.21
N VAL D 108 -29.13 14.84 26.41
CA VAL D 108 -28.04 14.18 25.72
C VAL D 108 -26.88 14.10 26.71
N SER D 109 -26.41 12.89 26.96
CA SER D 109 -25.38 12.64 27.94
C SER D 109 -24.02 13.05 27.41
N SER D 110 -23.18 13.59 28.31
CA SER D 110 -21.79 13.85 27.98
C SER D 110 -20.88 12.69 28.32
N HIS D 111 -21.36 11.74 29.12
CA HIS D 111 -20.58 10.56 29.47
C HIS D 111 -20.72 9.52 28.36
N CYS D 112 -19.63 9.18 27.70
CA CYS D 112 -19.66 8.15 26.68
C CYS D 112 -20.00 6.79 27.32
N PRO D 113 -20.72 5.93 26.60
CA PRO D 113 -21.10 4.65 27.20
C PRO D 113 -19.93 3.68 27.20
N SER D 114 -19.90 2.84 28.23
CA SER D 114 -18.84 1.85 28.39
C SER D 114 -19.40 0.48 28.05
N ALA D 115 -18.55 -0.36 27.44
CA ALA D 115 -18.96 -1.74 27.15
C ALA D 115 -19.48 -2.41 28.42
N GLY D 116 -20.50 -3.24 28.25
CA GLY D 116 -21.22 -3.81 29.37
C GLY D 116 -22.46 -3.05 29.76
N THR D 117 -22.48 -1.73 29.55
CA THR D 117 -23.67 -0.95 29.85
C THR D 117 -24.84 -1.46 29.02
N LYS D 118 -25.99 -1.57 29.68
CA LYS D 118 -27.20 -2.02 29.03
C LYS D 118 -28.04 -0.80 28.66
N CYS D 119 -28.64 -0.85 27.47
CA CYS D 119 -29.42 0.25 26.96
C CYS D 119 -30.66 -0.32 26.29
N LEU D 120 -31.54 0.56 25.88
CA LEU D 120 -32.75 0.18 25.19
C LEU D 120 -32.90 1.04 23.93
N VAL D 121 -33.23 0.40 22.82
CA VAL D 121 -33.44 1.06 21.54
C VAL D 121 -34.92 0.97 21.23
N SER D 122 -35.54 2.11 20.98
CA SER D 122 -36.97 2.21 20.70
C SER D 122 -37.20 2.88 19.35
N GLY D 123 -38.38 2.67 18.81
CA GLY D 123 -38.76 3.25 17.53
C GLY D 123 -39.52 2.27 16.66
N GLN D 139 -42.18 -0.32 20.27
CA GLN D 139 -41.37 -1.51 20.12
C GLN D 139 -39.93 -1.32 20.58
N CYS D 140 -39.69 -1.63 21.84
CA CYS D 140 -38.43 -1.47 22.51
C CYS D 140 -37.58 -2.73 22.70
N LEU D 141 -36.34 -2.77 22.19
CA LEU D 141 -35.41 -3.89 22.31
C LEU D 141 -34.28 -3.53 23.26
N ASN D 142 -33.84 -4.51 24.07
CA ASN D 142 -32.74 -4.35 25.00
C ASN D 142 -31.43 -4.75 24.32
N ILE D 143 -30.35 -3.99 24.60
CA ILE D 143 -29.06 -4.22 23.97
C ILE D 143 -27.96 -3.91 24.98
N SER D 144 -26.76 -4.42 24.70
CA SER D 144 -25.61 -4.18 25.56
C SER D 144 -24.45 -3.64 24.73
N VAL D 145 -23.88 -2.51 25.17
CA VAL D 145 -22.68 -1.95 24.56
C VAL D 145 -21.57 -2.98 24.57
N LEU D 146 -20.86 -3.08 23.45
CA LEU D 146 -19.80 -4.05 23.22
C LEU D 146 -18.50 -3.30 23.02
N SER D 147 -17.43 -4.05 22.82
CA SER D 147 -16.18 -3.41 22.45
C SER D 147 -16.26 -2.95 20.99
N GLN D 148 -15.54 -1.86 20.68
CA GLN D 148 -15.59 -1.33 19.32
C GLN D 148 -14.99 -2.31 18.33
N LYS D 149 -14.09 -3.21 18.78
CA LYS D 149 -13.51 -4.18 17.87
C LYS D 149 -14.50 -5.22 17.38
N ARG D 150 -15.57 -5.51 18.12
CA ARG D 150 -16.61 -6.38 17.59
C ARG D 150 -17.22 -5.76 16.34
N CYS D 151 -17.37 -4.45 16.31
CA CYS D 151 -17.95 -3.82 15.12
C CYS D 151 -16.89 -3.64 14.03
N GLU D 152 -15.66 -3.29 14.39
CA GLU D 152 -14.56 -3.27 13.43
C GLU D 152 -14.43 -4.60 12.70
N ASP D 153 -14.54 -5.70 13.43
CA ASP D 153 -14.26 -6.98 12.79
C ASP D 153 -15.38 -7.40 11.86
N ALA D 154 -16.57 -6.83 12.03
CA ALA D 154 -17.80 -7.29 11.38
C ALA D 154 -18.31 -6.37 10.28
N TYR D 155 -17.85 -5.14 10.22
CA TYR D 155 -18.42 -4.17 9.31
C TYR D 155 -17.48 -3.94 8.13
N PRO D 156 -18.06 -3.62 6.97
CA PRO D 156 -17.23 -3.43 5.76
C PRO D 156 -16.45 -2.13 5.73
N ARG D 157 -16.83 -1.12 6.51
CA ARG D 157 -16.16 0.18 6.59
C ARG D 157 -15.42 0.34 7.94
N GLN D 158 -14.64 1.41 8.00
CA GLN D 158 -13.95 1.78 9.22
C GLN D 158 -14.92 2.29 10.28
N ILE D 159 -14.74 1.82 11.52
CA ILE D 159 -15.48 2.30 12.69
C ILE D 159 -14.58 3.22 13.49
N ASP D 160 -15.14 4.29 14.03
CA ASP D 160 -14.32 5.20 14.83
C ASP D 160 -15.11 5.70 16.04
N ASP D 161 -14.48 6.62 16.77
CA ASP D 161 -14.95 7.14 18.05
C ASP D 161 -16.38 7.62 18.00
N THR D 162 -16.76 8.27 16.89
CA THR D 162 -18.04 8.91 16.72
C THR D 162 -19.18 7.92 16.65
N MET D 163 -18.86 6.63 16.75
CA MET D 163 -19.84 5.58 16.90
C MET D 163 -19.49 4.71 18.10
N PHE D 164 -20.49 3.98 18.60
CA PHE D 164 -20.26 2.89 19.53
C PHE D 164 -20.97 1.63 19.04
N CYS D 165 -20.50 0.50 19.57
CA CYS D 165 -20.88 -0.83 19.15
C CYS D 165 -21.76 -1.47 20.21
N ALA D 166 -22.83 -2.13 19.79
CA ALA D 166 -23.81 -2.60 20.77
C ALA D 166 -24.68 -3.66 20.11
N GLY D 167 -25.17 -4.60 20.91
CA GLY D 167 -26.05 -5.61 20.38
C GLY D 167 -26.36 -6.69 21.39
N ASP D 168 -27.52 -7.32 21.20
CA ASP D 168 -27.89 -8.57 21.87
C ASP D 168 -29.27 -9.06 21.46
N LYS D 169 -29.46 -10.39 21.50
CA LYS D 169 -30.61 -11.13 20.95
C LYS D 169 -31.32 -10.35 19.84
N SER D 179 -34.77 4.34 11.38
CA SER D 179 -33.61 5.16 11.74
C SER D 179 -34.00 6.44 12.49
N GLY D 180 -33.04 7.04 13.18
CA GLY D 180 -33.31 8.23 13.96
C GLY D 180 -33.85 7.97 15.35
N GLY D 181 -34.04 6.71 15.73
CA GLY D 181 -34.55 6.38 17.05
C GLY D 181 -33.48 6.48 18.10
N PRO D 182 -33.92 6.46 19.36
CA PRO D 182 -33.00 6.64 20.48
C PRO D 182 -32.40 5.34 21.00
N VAL D 183 -31.18 5.46 21.51
CA VAL D 183 -30.55 4.45 22.34
C VAL D 183 -30.36 5.12 23.68
N VAL D 184 -31.12 4.66 24.68
CA VAL D 184 -31.09 5.22 26.03
C VAL D 184 -30.38 4.23 26.94
N CYS D 185 -29.41 4.69 27.71
CA CYS D 185 -28.76 3.70 28.56
C CYS D 185 -29.11 3.92 30.03
N ASN D 186 -28.49 4.91 30.65
CA ASN D 186 -28.71 5.15 32.07
C ASN D 186 -29.85 6.12 32.32
N GLY D 187 -30.89 6.08 31.48
CA GLY D 187 -31.92 7.09 31.56
C GLY D 187 -31.65 8.35 30.78
N SER D 188 -30.50 8.43 30.10
CA SER D 188 -30.22 9.55 29.21
C SER D 188 -29.92 9.04 27.80
N LEU D 189 -30.13 9.92 26.84
CA LEU D 189 -29.85 9.60 25.45
C LEU D 189 -28.35 9.49 25.24
N GLN D 190 -27.90 8.31 24.81
CA GLN D 190 -26.49 8.11 24.54
C GLN D 190 -26.20 7.78 23.10
N GLY D 191 -27.21 7.34 22.33
CA GLY D 191 -26.98 7.08 20.93
C GLY D 191 -28.21 7.35 20.08
N LEU D 192 -27.98 7.35 18.78
CA LEU D 192 -29.05 7.38 17.79
C LEU D 192 -28.84 6.24 16.82
N VAL D 193 -29.96 5.63 16.44
CA VAL D 193 -29.95 4.59 15.42
C VAL D 193 -29.36 5.18 14.16
N SER D 194 -28.24 4.61 13.71
CA SER D 194 -27.58 5.08 12.50
C SER D 194 -28.56 5.02 11.33
N PRO D 203 -28.55 -8.80 9.41
CA PRO D 203 -28.27 -10.17 9.86
C PRO D 203 -27.93 -10.23 11.36
N ASN D 204 -27.20 -11.25 11.80
CA ASN D 204 -26.96 -11.47 13.22
C ASN D 204 -25.79 -10.66 13.77
N ARG D 205 -25.48 -9.55 13.11
CA ARG D 205 -24.31 -8.72 13.42
C ARG D 205 -24.64 -7.68 14.49
N PRO D 206 -23.65 -7.32 15.31
CA PRO D 206 -23.84 -6.20 16.24
C PRO D 206 -24.16 -4.94 15.47
N GLY D 207 -24.90 -4.06 16.11
CA GLY D 207 -25.24 -2.78 15.55
C GLY D 207 -24.23 -1.70 15.91
N VAL D 208 -24.10 -0.72 15.01
CA VAL D 208 -23.34 0.50 15.26
C VAL D 208 -24.33 1.63 15.47
N TYR D 209 -24.01 2.55 16.37
CA TYR D 209 -24.90 3.62 16.80
C TYR D 209 -24.06 4.89 16.89
N THR D 210 -24.70 6.05 16.72
CA THR D 210 -23.94 7.29 16.82
C THR D 210 -23.65 7.59 18.29
N ASN D 211 -22.36 7.77 18.61
CA ASN D 211 -21.88 8.07 19.97
C ASN D 211 -22.15 9.54 20.26
N LEU D 212 -23.29 9.83 20.88
CA LEU D 212 -23.71 11.22 21.04
C LEU D 212 -22.81 12.03 21.97
N CYS D 213 -22.14 11.38 22.93
CA CYS D 213 -21.22 12.06 23.82
C CYS D 213 -20.14 12.86 23.07
N LYS D 214 -19.73 12.40 21.89
CA LYS D 214 -18.72 13.13 21.13
C LYS D 214 -19.29 14.34 20.39
N PHE D 215 -20.61 14.55 20.45
CA PHE D 215 -21.29 15.63 19.73
C PHE D 215 -21.95 16.64 20.64
N THR D 216 -21.89 16.42 21.95
CA THR D 216 -22.59 17.27 22.91
C THR D 216 -22.38 18.77 22.66
N LYS D 217 -21.24 19.15 22.07
CA LYS D 217 -20.98 20.58 21.87
C LYS D 217 -21.53 21.06 20.54
N TRP D 218 -21.37 20.26 19.48
CA TRP D 218 -21.88 20.68 18.19
C TRP D 218 -23.38 20.95 18.23
N ILE D 219 -24.11 20.28 19.12
CA ILE D 219 -25.53 20.59 19.27
C ILE D 219 -25.69 21.90 20.03
N GLN D 220 -24.96 22.09 21.13
CA GLN D 220 -25.05 23.32 21.90
C GLN D 220 -24.78 24.52 21.01
N GLU D 221 -23.61 24.54 20.38
CA GLU D 221 -23.32 25.54 19.36
C GLU D 221 -24.49 25.69 18.40
N THR D 222 -24.88 24.60 17.74
CA THR D 222 -25.91 24.72 16.70
C THR D 222 -27.21 25.26 17.25
N ILE D 223 -27.46 25.06 18.55
CA ILE D 223 -28.68 25.60 19.10
C ILE D 223 -28.56 27.10 19.32
N GLN D 224 -27.44 27.56 19.86
CA GLN D 224 -27.26 29.00 20.12
C GLN D 224 -27.40 29.83 18.86
N ALA D 225 -26.94 29.30 17.72
CA ALA D 225 -26.96 30.02 16.45
C ALA D 225 -28.29 29.89 15.72
N ASN D 226 -29.28 29.25 16.33
CA ASN D 226 -30.59 29.16 15.71
C ASN D 226 -31.68 29.43 16.72
N SER D 227 -31.34 30.13 17.80
CA SER D 227 -32.25 30.35 18.91
C SER D 227 -32.68 31.82 18.96
N ALA E 1 -8.45 -11.58 -19.22
CA ALA E 1 -9.88 -11.40 -19.33
C ALA E 1 -10.14 -10.42 -20.45
N ILE E 2 -10.69 -9.25 -20.14
CA ILE E 2 -11.05 -8.28 -21.18
C ILE E 2 -9.81 -7.54 -21.65
N ARG E 3 -9.51 -7.65 -22.95
CA ARG E 3 -8.45 -6.92 -23.62
C ARG E 3 -9.07 -6.02 -24.70
N MET E 4 -8.61 -4.78 -24.79
CA MET E 4 -9.11 -3.81 -25.77
C MET E 4 -8.05 -3.61 -26.84
N THR E 5 -8.47 -3.60 -28.11
CA THR E 5 -7.57 -3.47 -29.26
C THR E 5 -8.08 -2.32 -30.13
N GLN E 6 -7.19 -1.40 -30.49
CA GLN E 6 -7.55 -0.27 -31.33
C GLN E 6 -6.81 -0.38 -32.66
N SER E 7 -7.43 0.15 -33.71
CA SER E 7 -6.86 0.18 -35.04
C SER E 7 -7.52 1.32 -35.82
N PRO E 8 -6.80 1.94 -36.74
CA PRO E 8 -5.38 1.78 -37.03
C PRO E 8 -4.52 2.40 -35.93
N SER E 9 -3.23 2.12 -35.90
CA SER E 9 -2.36 2.84 -34.97
C SER E 9 -2.16 4.29 -35.36
N SER E 10 -2.34 4.62 -36.64
CA SER E 10 -2.12 5.97 -37.12
C SER E 10 -3.10 6.23 -38.26
N PHE E 11 -3.83 7.34 -38.18
CA PHE E 11 -4.82 7.74 -39.18
C PHE E 11 -4.41 9.12 -39.69
N SER E 12 -3.94 9.21 -40.93
CA SER E 12 -3.59 10.50 -41.51
C SER E 12 -4.54 10.81 -42.65
N ALA E 13 -5.17 11.98 -42.60
CA ALA E 13 -6.14 12.37 -43.59
C ALA E 13 -6.18 13.89 -43.66
N SER E 14 -6.80 14.39 -44.73
CA SER E 14 -6.89 15.82 -45.01
C SER E 14 -8.10 16.43 -44.30
N THR E 15 -8.06 17.75 -44.15
CA THR E 15 -9.20 18.48 -43.59
C THR E 15 -10.47 18.13 -44.37
N GLY E 16 -11.60 18.14 -43.69
CA GLY E 16 -12.86 17.75 -44.27
C GLY E 16 -13.03 16.28 -44.59
N ASP E 17 -12.00 15.46 -44.48
CA ASP E 17 -12.23 14.04 -44.75
C ASP E 17 -12.99 13.38 -43.58
N ARG E 18 -13.63 12.26 -43.89
CA ARG E 18 -14.28 11.43 -42.90
C ARG E 18 -13.27 10.46 -42.32
N VAL E 19 -13.16 10.43 -40.99
CA VAL E 19 -12.23 9.57 -40.24
C VAL E 19 -13.00 8.54 -39.43
N THR E 20 -12.65 7.27 -39.56
CA THR E 20 -13.25 6.23 -38.74
C THR E 20 -12.14 5.39 -38.14
N ILE E 21 -12.15 5.24 -36.81
CA ILE E 21 -11.19 4.41 -36.11
C ILE E 21 -11.97 3.40 -35.27
N THR E 22 -11.33 2.26 -34.97
CA THR E 22 -12.04 1.14 -34.38
C THR E 22 -11.41 0.64 -33.09
N CYS E 23 -12.25 0.00 -32.30
CA CYS E 23 -11.89 -0.50 -30.99
C CYS E 23 -12.64 -1.80 -30.80
N GLN E 24 -11.98 -2.79 -30.24
CA GLN E 24 -12.55 -4.13 -30.11
C GLN E 24 -12.28 -4.67 -28.72
N ALA E 25 -13.28 -5.33 -28.14
CA ALA E 25 -13.11 -6.05 -26.89
C ALA E 25 -13.09 -7.54 -27.14
N SER E 26 -12.14 -8.21 -26.49
CA SER E 26 -12.05 -9.67 -26.51
C SER E 26 -13.27 -10.36 -25.91
N GLU E 27 -14.10 -9.66 -25.13
CA GLU E 27 -15.32 -10.25 -24.59
C GLU E 27 -16.38 -9.17 -24.61
N SER E 28 -17.66 -9.57 -24.66
CA SER E 28 -18.72 -8.58 -24.75
C SER E 28 -18.66 -7.61 -23.58
N ILE E 29 -18.88 -6.33 -23.88
CA ILE E 29 -18.88 -5.31 -22.85
C ILE E 29 -20.12 -4.45 -23.01
N SER E 30 -21.12 -4.97 -23.71
CA SER E 30 -22.41 -4.26 -23.88
C SER E 30 -22.11 -2.89 -24.50
N ASN E 31 -22.68 -1.80 -24.00
CA ASN E 31 -22.32 -0.45 -24.44
C ASN E 31 -21.41 0.28 -23.46
N GLU E 32 -20.69 -0.44 -22.60
CA GLU E 32 -19.88 0.20 -21.55
C GLU E 32 -18.50 0.55 -22.11
N LEU E 33 -18.51 1.45 -23.09
CA LEU E 33 -17.28 1.85 -23.76
C LEU E 33 -17.23 3.36 -23.88
N SER E 34 -16.03 3.92 -23.72
CA SER E 34 -15.90 5.36 -23.78
C SER E 34 -14.70 5.70 -24.63
N TRP E 35 -14.75 6.88 -25.23
CA TRP E 35 -13.68 7.39 -26.05
C TRP E 35 -13.15 8.65 -25.41
N TYR E 36 -11.84 8.78 -25.42
CA TYR E 36 -11.09 9.88 -24.84
C TYR E 36 -10.14 10.45 -25.88
N GLN E 37 -9.97 11.77 -25.85
CA GLN E 37 -9.07 12.48 -26.74
C GLN E 37 -7.95 13.09 -25.91
N GLN E 38 -6.72 12.97 -26.39
CA GLN E 38 -5.56 13.46 -25.66
C GLN E 38 -4.68 14.25 -26.62
N LYS E 39 -4.70 15.55 -26.47
CA LYS E 39 -3.89 16.51 -27.17
C LYS E 39 -2.50 16.57 -26.56
N PRO E 40 -1.50 16.94 -27.40
CA PRO E 40 -0.08 16.91 -27.01
C PRO E 40 0.25 17.15 -25.55
N GLY E 41 0.12 18.38 -25.10
CA GLY E 41 0.62 18.59 -23.75
C GLY E 41 -0.38 18.46 -22.63
N LYS E 42 -1.47 17.72 -22.82
CA LYS E 42 -2.59 17.85 -21.91
C LYS E 42 -3.04 16.49 -21.36
N ALA E 43 -4.02 16.54 -20.49
CA ALA E 43 -4.59 15.32 -19.94
C ALA E 43 -5.71 14.83 -20.85
N PRO E 44 -6.00 13.54 -20.84
CA PRO E 44 -7.08 13.03 -21.68
C PRO E 44 -8.40 13.70 -21.30
N LYS E 45 -9.33 13.72 -22.26
CA LYS E 45 -10.64 14.34 -22.10
C LYS E 45 -11.68 13.37 -22.64
N LEU E 46 -12.75 13.18 -21.88
CA LEU E 46 -13.84 12.33 -22.30
C LEU E 46 -14.58 12.92 -23.48
N LEU E 47 -14.67 12.18 -24.57
CA LEU E 47 -15.45 12.64 -25.72
C LEU E 47 -16.78 11.95 -25.84
N ILE E 48 -16.83 10.64 -25.63
CA ILE E 48 -18.06 9.88 -25.83
C ILE E 48 -18.12 8.82 -24.75
N TYR E 49 -19.31 8.58 -24.22
CA TYR E 49 -19.50 7.49 -23.28
C TYR E 49 -20.77 6.75 -23.66
N TYR E 50 -20.97 5.59 -23.04
CA TYR E 50 -22.04 4.66 -23.45
C TYR E 50 -22.04 4.51 -24.98
N ALA E 51 -20.82 4.43 -25.54
CA ALA E 51 -20.57 4.09 -26.95
C ALA E 51 -20.92 5.19 -27.96
N SER E 52 -21.99 5.97 -27.69
CA SER E 52 -22.50 6.88 -28.71
C SER E 52 -22.94 8.24 -28.23
N THR E 53 -23.02 8.52 -26.94
CA THR E 53 -23.45 9.86 -26.58
C THR E 53 -22.24 10.73 -26.25
N LEU E 54 -22.17 11.86 -26.94
CA LEU E 54 -21.13 12.86 -26.77
C LEU E 54 -21.22 13.51 -25.40
N ALA E 55 -20.05 13.89 -24.88
CA ALA E 55 -19.96 14.72 -23.68
C ALA E 55 -20.19 16.19 -24.05
N SER E 56 -20.40 17.01 -23.02
CA SER E 56 -20.59 18.44 -23.20
C SER E 56 -19.45 19.06 -23.99
N GLY E 57 -19.80 20.02 -24.85
CA GLY E 57 -18.80 20.76 -25.58
C GLY E 57 -18.20 20.02 -26.75
N VAL E 58 -18.53 18.74 -26.92
CA VAL E 58 -17.91 17.99 -28.00
C VAL E 58 -18.63 18.30 -29.31
N PRO E 59 -17.92 18.74 -30.33
CA PRO E 59 -18.58 19.18 -31.55
C PRO E 59 -19.33 18.04 -32.23
N SER E 60 -20.33 18.43 -33.02
CA SER E 60 -21.25 17.49 -33.64
C SER E 60 -20.57 16.61 -34.68
N ARG E 61 -19.39 17.01 -35.17
CA ARG E 61 -18.71 16.18 -36.17
C ARG E 61 -18.17 14.87 -35.60
N PHE E 62 -18.19 14.71 -34.28
CA PHE E 62 -17.83 13.45 -33.64
C PHE E 62 -19.04 12.56 -33.42
N SER E 63 -18.80 11.26 -33.48
CA SER E 63 -19.84 10.30 -33.18
C SER E 63 -19.16 8.97 -32.94
N GLY E 64 -19.91 8.05 -32.35
CA GLY E 64 -19.39 6.74 -32.01
C GLY E 64 -20.50 5.73 -32.07
N SER E 65 -20.17 4.47 -32.27
CA SER E 65 -21.18 3.46 -32.54
C SER E 65 -20.69 2.09 -32.08
N GLY E 66 -21.65 1.20 -31.85
CA GLY E 66 -21.39 -0.21 -31.67
C GLY E 66 -21.88 -0.71 -30.32
N SER E 67 -21.92 -2.02 -30.13
CA SER E 67 -22.35 -2.64 -28.88
C SER E 67 -21.82 -4.07 -28.84
N GLY E 68 -21.45 -4.55 -27.64
CA GLY E 68 -20.91 -5.88 -27.55
C GLY E 68 -19.39 -5.90 -27.66
N THR E 69 -18.84 -6.23 -28.83
CA THR E 69 -17.38 -6.32 -28.96
C THR E 69 -16.74 -5.35 -29.95
N ASP E 70 -17.50 -4.71 -30.85
CA ASP E 70 -16.92 -3.89 -31.92
C ASP E 70 -17.46 -2.47 -31.86
N PHE E 71 -16.56 -1.50 -31.93
CA PHE E 71 -16.94 -0.12 -31.72
C PHE E 71 -16.12 0.76 -32.65
N THR E 72 -16.71 1.89 -33.01
CA THR E 72 -16.00 2.83 -33.87
C THR E 72 -16.24 4.24 -33.36
N LEU E 73 -15.25 5.07 -33.58
CA LEU E 73 -15.38 6.52 -33.47
C LEU E 73 -15.19 7.11 -34.85
N THR E 74 -16.03 8.08 -35.19
CA THR E 74 -16.02 8.72 -36.50
C THR E 74 -16.01 10.23 -36.33
N ILE E 75 -15.17 10.88 -37.12
CA ILE E 75 -15.16 12.34 -37.27
C ILE E 75 -15.61 12.63 -38.69
N SER E 76 -16.79 13.24 -38.83
CA SER E 76 -17.44 13.29 -40.14
C SER E 76 -16.71 14.23 -41.09
N SER E 77 -16.02 15.24 -40.57
CA SER E 77 -15.27 16.18 -41.41
C SER E 77 -14.06 16.66 -40.60
N LEU E 78 -12.90 16.08 -40.89
CA LEU E 78 -11.73 16.28 -40.03
C LEU E 78 -11.33 17.74 -40.01
N GLN E 79 -11.08 18.25 -38.80
CA GLN E 79 -10.65 19.61 -38.58
C GLN E 79 -9.24 19.63 -37.98
N PRO E 80 -8.43 20.64 -38.29
CA PRO E 80 -7.04 20.65 -37.79
C PRO E 80 -6.93 20.56 -36.27
N GLU E 81 -7.87 21.15 -35.51
CA GLU E 81 -7.80 21.10 -34.05
CA GLU E 81 -7.80 21.10 -34.05
C GLU E 81 -8.05 19.69 -33.51
N ASP E 82 -8.48 18.75 -34.36
CA ASP E 82 -8.72 17.36 -34.02
C ASP E 82 -7.45 16.54 -33.92
N PHE E 83 -6.28 17.13 -34.20
CA PHE E 83 -5.01 16.44 -34.00
C PHE E 83 -4.91 16.02 -32.53
N ALA E 84 -4.71 14.72 -32.30
CA ALA E 84 -4.66 14.12 -30.97
C ALA E 84 -4.50 12.62 -31.07
N THR E 85 -4.31 11.96 -29.93
CA THR E 85 -4.39 10.52 -29.82
C THR E 85 -5.73 10.17 -29.19
N TYR E 86 -6.44 9.20 -29.77
CA TYR E 86 -7.78 8.81 -29.32
C TYR E 86 -7.72 7.41 -28.70
N TYR E 87 -8.17 7.31 -27.45
CA TYR E 87 -8.18 6.05 -26.68
C TYR E 87 -9.59 5.61 -26.37
N CYS E 88 -9.87 4.32 -26.53
CA CYS E 88 -11.10 3.77 -25.97
C CYS E 88 -10.79 3.12 -24.60
N ALA E 89 -11.85 2.94 -23.82
CA ALA E 89 -11.71 2.21 -22.57
C ALA E 89 -13.04 1.60 -22.20
N GLN E 90 -13.01 0.32 -21.82
CA GLN E 90 -14.20 -0.39 -21.35
C GLN E 90 -14.45 -0.08 -19.87
N GLY E 91 -15.72 0.10 -19.53
CA GLY E 91 -16.19 0.27 -18.16
C GLY E 91 -17.11 -0.87 -17.76
N PHE E 92 -16.77 -2.09 -18.19
CA PHE E 92 -17.62 -3.25 -17.94
C PHE E 92 -17.18 -4.06 -16.72
N GLY E 93 -15.88 -4.30 -16.56
CA GLY E 93 -15.38 -5.07 -15.42
C GLY E 93 -13.94 -4.76 -15.16
N SER E 94 -13.51 -4.97 -13.90
CA SER E 94 -12.14 -4.62 -13.49
C SER E 94 -11.30 -5.77 -12.98
N SER E 95 -11.81 -7.01 -12.93
CA SER E 95 -11.07 -8.12 -12.35
C SER E 95 -10.36 -8.90 -13.45
N GLY E 96 -9.07 -9.15 -13.24
CA GLY E 96 -8.29 -9.89 -14.22
C GLY E 96 -8.03 -9.12 -15.50
N VAL E 97 -7.87 -7.81 -15.41
CA VAL E 97 -7.64 -6.91 -16.53
C VAL E 97 -6.21 -6.40 -16.46
N GLU E 98 -5.50 -6.44 -17.59
CA GLU E 98 -4.23 -5.73 -17.67
C GLU E 98 -4.43 -4.26 -17.88
N ASN E 99 -5.35 -3.90 -18.78
CA ASN E 99 -5.54 -2.50 -19.11
C ASN E 99 -6.96 -2.27 -19.57
N VAL E 100 -7.59 -1.28 -18.93
CA VAL E 100 -8.93 -0.85 -19.30
C VAL E 100 -8.91 -0.16 -20.68
N PHE E 101 -7.79 0.44 -21.09
CA PHE E 101 -7.66 1.23 -22.30
C PHE E 101 -7.11 0.43 -23.48
N GLY E 102 -7.55 0.80 -24.69
CA GLY E 102 -6.86 0.36 -25.89
C GLY E 102 -5.54 1.10 -26.09
N GLY E 103 -4.75 0.61 -27.05
CA GLY E 103 -3.49 1.25 -27.36
C GLY E 103 -3.60 2.65 -27.91
N GLY E 104 -4.77 3.07 -28.39
CA GLY E 104 -4.77 4.41 -28.93
C GLY E 104 -4.54 4.43 -30.44
N THR E 105 -5.12 5.44 -31.09
CA THR E 105 -4.89 5.74 -32.49
C THR E 105 -4.42 7.18 -32.56
N LYS E 106 -3.29 7.42 -33.22
CA LYS E 106 -2.84 8.79 -33.43
C LYS E 106 -3.44 9.32 -34.74
N VAL E 107 -4.15 10.45 -34.67
CA VAL E 107 -4.82 11.02 -35.83
C VAL E 107 -3.99 12.19 -36.32
N GLU E 108 -3.39 12.05 -37.51
CA GLU E 108 -2.56 13.08 -38.12
C GLU E 108 -3.28 13.72 -39.31
N ILE E 109 -2.90 14.96 -39.60
CA ILE E 109 -3.58 15.78 -40.60
C ILE E 109 -2.67 15.97 -41.80
N LYS E 110 -3.21 15.80 -42.97
CA LYS E 110 -2.53 16.05 -44.20
C LYS E 110 -2.89 17.43 -44.62
N ARG E 111 -2.00 18.11 -45.28
CA ARG E 111 -2.27 19.43 -45.70
C ARG E 111 -1.50 19.82 -46.92
N THR E 112 -1.70 21.03 -47.33
CA THR E 112 -1.03 21.61 -48.47
C THR E 112 0.42 21.73 -48.16
N VAL E 113 1.29 21.45 -49.09
CA VAL E 113 2.71 21.43 -48.79
C VAL E 113 3.23 22.76 -48.36
N ALA E 114 4.01 22.79 -47.28
CA ALA E 114 4.60 24.03 -46.86
C ALA E 114 6.08 23.89 -46.73
N ALA E 115 6.71 24.97 -47.09
CA ALA E 115 8.16 25.13 -47.17
C ALA E 115 8.70 25.81 -45.92
N PRO E 116 9.79 25.30 -45.37
CA PRO E 116 10.31 25.84 -44.10
C PRO E 116 11.06 27.16 -44.30
N SER E 117 10.65 28.19 -43.58
CA SER E 117 11.58 29.25 -43.25
C SER E 117 12.77 28.62 -42.54
N VAL E 118 13.98 28.86 -43.03
CA VAL E 118 15.17 28.25 -42.46
C VAL E 118 16.02 29.32 -41.77
N PHE E 119 16.56 28.97 -40.61
CA PHE E 119 17.37 29.88 -39.81
C PHE E 119 18.55 29.11 -39.21
N ILE E 120 19.66 29.83 -39.04
CA ILE E 120 20.92 29.28 -38.54
C ILE E 120 21.34 30.12 -37.34
N PHE E 121 21.89 29.47 -36.32
CA PHE E 121 22.25 30.13 -35.07
C PHE E 121 23.68 29.74 -34.70
N PRO E 122 24.57 30.72 -34.55
CA PRO E 122 25.93 30.44 -34.12
C PRO E 122 25.96 30.23 -32.61
N PRO E 123 26.94 29.48 -32.11
CA PRO E 123 27.03 29.24 -30.67
C PRO E 123 27.31 30.52 -29.90
N SER E 124 26.97 30.48 -28.61
CA SER E 124 27.20 31.61 -27.73
C SER E 124 28.65 31.65 -27.25
N ASP E 125 29.14 32.86 -27.00
CA ASP E 125 30.39 33.02 -26.28
C ASP E 125 30.37 32.27 -24.95
N GLU E 126 29.24 32.35 -24.23
CA GLU E 126 29.15 31.76 -22.89
C GLU E 126 29.20 30.23 -22.90
N GLN E 127 28.72 29.59 -23.99
CA GLN E 127 28.85 28.14 -24.08
C GLN E 127 30.26 27.75 -24.49
N LEU E 128 30.86 28.55 -25.37
CA LEU E 128 32.24 28.33 -25.80
C LEU E 128 33.22 28.46 -24.66
N LYS E 129 32.88 29.22 -23.62
CA LYS E 129 33.77 29.26 -22.47
C LYS E 129 33.81 27.91 -21.75
N SER E 130 32.81 27.06 -21.94
CA SER E 130 32.94 25.66 -21.58
C SER E 130 33.56 24.91 -22.77
N GLY E 131 33.71 23.60 -22.65
CA GLY E 131 34.44 22.96 -23.72
C GLY E 131 33.70 22.67 -25.01
N THR E 132 32.48 23.17 -25.22
CA THR E 132 31.58 22.69 -26.27
C THR E 132 31.00 23.83 -27.08
N ALA E 133 30.58 23.51 -28.31
CA ALA E 133 29.97 24.47 -29.22
C ALA E 133 28.74 23.86 -29.90
N SER E 134 27.67 24.64 -30.01
CA SER E 134 26.39 24.16 -30.51
C SER E 134 25.89 25.12 -31.56
N VAL E 135 25.84 24.64 -32.82
CA VAL E 135 25.23 25.38 -33.90
C VAL E 135 23.82 24.83 -34.10
N VAL E 136 22.88 25.72 -34.35
CA VAL E 136 21.49 25.31 -34.32
C VAL E 136 20.78 25.73 -35.62
N CYS E 137 20.12 24.75 -36.23
CA CYS E 137 19.37 24.96 -37.47
C CYS E 137 17.87 24.80 -37.23
N LEU E 138 17.12 25.88 -37.43
CA LEU E 138 15.68 25.88 -37.23
C LEU E 138 14.98 25.82 -38.59
N LEU E 139 14.16 24.80 -38.79
CA LEU E 139 13.20 24.78 -39.90
C LEU E 139 11.82 25.05 -39.32
N ASN E 140 11.23 26.17 -39.69
CA ASN E 140 10.01 26.64 -39.02
C ASN E 140 8.79 26.59 -39.94
N ASN E 141 7.76 25.87 -39.50
CA ASN E 141 6.40 25.91 -40.04
C ASN E 141 6.31 25.33 -41.45
N PHE E 142 6.59 24.05 -41.58
CA PHE E 142 6.56 23.38 -42.86
C PHE E 142 5.64 22.16 -42.79
N TYR E 143 5.36 21.57 -43.98
CA TYR E 143 4.61 20.32 -44.12
C TYR E 143 4.94 19.63 -45.44
N PRO E 144 5.14 18.30 -45.48
CA PRO E 144 5.06 17.18 -44.52
C PRO E 144 6.21 17.11 -43.53
N ARG E 145 6.21 16.13 -42.64
CA ARG E 145 7.21 16.12 -41.58
C ARG E 145 8.60 15.80 -42.13
N GLU E 146 8.71 14.75 -42.93
CA GLU E 146 10.01 14.27 -43.34
C GLU E 146 10.80 15.36 -44.07
N ALA E 147 12.07 15.50 -43.69
CA ALA E 147 13.00 16.42 -44.33
C ALA E 147 14.41 15.91 -44.04
N LYS E 148 15.34 16.35 -44.88
CA LYS E 148 16.75 16.00 -44.73
C LYS E 148 17.55 17.25 -44.41
N VAL E 149 18.17 17.25 -43.23
CA VAL E 149 19.10 18.28 -42.80
C VAL E 149 20.49 17.68 -42.80
N GLN E 150 21.42 18.37 -43.46
CA GLN E 150 22.82 17.95 -43.53
C GLN E 150 23.68 19.06 -42.94
N TRP E 151 24.66 18.66 -42.13
CA TRP E 151 25.57 19.57 -41.43
C TRP E 151 26.95 19.49 -42.07
N LYS E 152 27.52 20.64 -42.44
CA LYS E 152 28.84 20.64 -43.08
C LYS E 152 29.75 21.68 -42.44
N VAL E 153 30.89 21.23 -41.91
CA VAL E 153 31.95 22.11 -41.41
C VAL E 153 33.11 22.09 -42.40
N ASP E 154 33.54 23.28 -42.84
CA ASP E 154 34.56 23.43 -43.87
C ASP E 154 34.26 22.51 -45.07
N ASN E 155 32.99 22.56 -45.51
CA ASN E 155 32.44 21.83 -46.64
C ASN E 155 32.38 20.32 -46.40
N ALA E 156 33.00 19.84 -45.33
CA ALA E 156 32.97 18.42 -45.01
C ALA E 156 31.66 18.08 -44.32
N LEU E 157 30.99 17.04 -44.79
CA LEU E 157 29.72 16.65 -44.19
C LEU E 157 29.98 15.86 -42.91
N GLN E 158 29.34 16.27 -41.83
CA GLN E 158 29.51 15.61 -40.55
C GLN E 158 28.39 14.61 -40.31
N SER E 159 28.64 13.66 -39.41
CA SER E 159 27.72 12.55 -39.22
C SER E 159 27.86 12.05 -37.79
N GLY E 160 26.73 11.99 -37.07
CA GLY E 160 26.73 11.50 -35.70
C GLY E 160 26.95 12.57 -34.64
N ASN E 161 27.25 13.81 -35.04
CA ASN E 161 27.39 14.93 -34.14
C ASN E 161 26.17 15.83 -34.15
N SER E 162 25.03 15.28 -34.56
CA SER E 162 23.82 16.04 -34.82
C SER E 162 22.66 15.38 -34.11
N GLN E 163 21.77 16.20 -33.56
CA GLN E 163 20.50 15.71 -33.08
C GLN E 163 19.39 16.52 -33.71
N GLU E 164 18.26 15.88 -33.94
CA GLU E 164 17.09 16.56 -34.42
C GLU E 164 15.92 16.30 -33.48
N SER E 165 15.00 17.24 -33.50
CA SER E 165 13.87 17.21 -32.59
C SER E 165 12.76 17.97 -33.28
N VAL E 166 11.53 17.50 -33.18
CA VAL E 166 10.46 18.07 -34.00
C VAL E 166 9.25 18.32 -33.13
N THR E 167 8.59 19.45 -33.37
CA THR E 167 7.43 19.80 -32.56
C THR E 167 6.22 18.94 -32.91
N GLU E 168 5.19 19.01 -32.08
CA GLU E 168 3.94 18.36 -32.46
C GLU E 168 3.28 19.20 -33.56
N GLN E 169 2.39 18.56 -34.32
CA GLN E 169 1.71 19.27 -35.37
C GLN E 169 0.98 20.46 -34.79
N ASP E 170 1.04 21.60 -35.47
CA ASP E 170 0.40 22.78 -34.93
C ASP E 170 -1.12 22.63 -34.98
N SER E 171 -1.77 22.90 -33.87
CA SER E 171 -3.20 22.67 -33.83
C SER E 171 -4.01 23.64 -34.73
N LYS E 172 -3.46 24.65 -35.39
CA LYS E 172 -4.29 25.49 -36.24
C LYS E 172 -3.93 25.41 -37.72
N ASP E 173 -2.65 25.27 -38.09
CA ASP E 173 -2.24 25.18 -39.49
C ASP E 173 -1.54 23.87 -39.85
N SER E 174 -1.43 22.94 -38.90
CA SER E 174 -0.98 21.57 -39.15
C SER E 174 0.45 21.50 -39.64
N THR E 175 1.26 22.52 -39.34
CA THR E 175 2.67 22.47 -39.73
C THR E 175 3.53 21.90 -38.59
N TYR E 176 4.76 21.56 -38.97
CA TYR E 176 5.84 21.06 -38.15
C TYR E 176 6.95 22.10 -38.09
N SER E 177 7.67 22.11 -36.96
CA SER E 177 8.93 22.84 -36.84
C SER E 177 9.97 21.86 -36.31
N LEU E 178 11.21 22.00 -36.78
CA LEU E 178 12.26 21.04 -36.49
C LEU E 178 13.53 21.80 -36.11
N SER E 179 14.27 21.23 -35.15
CA SER E 179 15.57 21.72 -34.75
C SER E 179 16.61 20.64 -34.98
N SER E 180 17.73 21.05 -35.59
CA SER E 180 18.93 20.23 -35.70
C SER E 180 20.07 20.95 -35.01
N THR E 181 20.71 20.29 -34.04
CA THR E 181 21.78 20.85 -33.22
C THR E 181 23.05 20.06 -33.46
N LEU E 182 24.09 20.76 -33.92
CA LEU E 182 25.40 20.17 -34.19
C LEU E 182 26.34 20.58 -33.07
N THR E 183 26.79 19.58 -32.31
CA THR E 183 27.63 19.78 -31.14
C THR E 183 29.07 19.38 -31.49
N LEU E 184 29.99 20.33 -31.34
CA LEU E 184 31.41 20.10 -31.57
C LEU E 184 32.16 20.24 -30.26
N SER E 185 33.42 20.64 -30.35
CA SER E 185 34.16 21.17 -29.21
C SER E 185 34.74 22.49 -29.68
N LYS E 186 35.05 23.37 -28.71
CA LYS E 186 35.60 24.67 -29.07
C LYS E 186 36.85 24.49 -29.92
N ALA E 187 37.66 23.47 -29.63
CA ALA E 187 38.83 23.23 -30.45
C ALA E 187 38.42 22.78 -31.85
N ASP E 188 37.55 21.78 -31.94
CA ASP E 188 37.04 21.33 -33.22
C ASP E 188 36.21 22.41 -33.91
N TYR E 189 35.72 23.40 -33.15
CA TYR E 189 34.98 24.52 -33.72
C TYR E 189 35.88 25.65 -34.18
N GLU E 190 37.06 25.80 -33.57
CA GLU E 190 38.03 26.81 -33.96
C GLU E 190 38.95 26.30 -35.06
N LYS E 191 38.95 24.99 -35.31
CA LYS E 191 39.75 24.44 -36.40
C LYS E 191 39.22 24.87 -37.76
N HIS E 192 37.94 25.21 -37.87
CA HIS E 192 37.30 25.43 -39.15
C HIS E 192 36.68 26.82 -39.23
N LYS E 193 36.33 27.21 -40.44
CA LYS E 193 35.85 28.56 -40.72
C LYS E 193 34.40 28.60 -41.16
N VAL E 194 33.97 27.69 -42.03
CA VAL E 194 32.65 27.74 -42.63
C VAL E 194 31.78 26.66 -41.98
N TYR E 195 30.54 27.02 -41.68
CA TYR E 195 29.59 26.12 -41.04
C TYR E 195 28.25 26.31 -41.74
N ALA E 196 27.71 25.23 -42.32
CA ALA E 196 26.56 25.38 -43.18
C ALA E 196 25.52 24.29 -42.90
N CYS E 197 24.26 24.70 -43.07
CA CYS E 197 23.08 23.86 -42.92
C CYS E 197 22.47 23.70 -44.31
N GLU E 198 22.25 22.46 -44.72
CA GLU E 198 21.72 22.10 -46.03
C GLU E 198 20.40 21.38 -45.84
N VAL E 199 19.32 21.84 -46.48
CA VAL E 199 18.03 21.18 -46.23
C VAL E 199 17.25 20.96 -47.52
N THR E 200 16.73 19.76 -47.61
CA THR E 200 15.99 19.19 -48.69
C THR E 200 14.60 18.99 -48.24
N HIS E 201 13.65 19.41 -49.00
CA HIS E 201 12.30 19.22 -48.59
C HIS E 201 11.46 19.28 -49.78
N GLN E 202 10.46 18.41 -49.89
CA GLN E 202 9.57 18.48 -51.04
C GLN E 202 8.78 19.74 -50.79
N GLY E 203 9.05 20.79 -51.56
CA GLY E 203 8.37 22.04 -51.28
C GLY E 203 9.37 23.10 -51.62
N LEU E 204 10.57 22.60 -51.76
CA LEU E 204 11.76 23.37 -52.13
C LEU E 204 12.11 23.07 -53.57
N SER E 205 11.84 24.04 -54.45
CA SER E 205 12.34 23.98 -55.83
C SER E 205 13.81 23.62 -55.83
N SER E 206 14.57 24.35 -55.03
CA SER E 206 16.01 24.25 -54.90
C SER E 206 16.38 24.03 -53.44
N PRO E 207 17.29 23.09 -53.13
CA PRO E 207 17.66 22.84 -51.73
C PRO E 207 18.33 24.04 -51.06
N VAL E 208 17.67 24.61 -50.04
CA VAL E 208 18.17 25.82 -49.38
C VAL E 208 19.32 25.50 -48.44
N THR E 209 20.21 26.48 -48.28
CA THR E 209 21.40 26.34 -47.43
C THR E 209 21.63 27.65 -46.70
N LYS E 210 21.72 27.58 -45.36
CA LYS E 210 22.03 28.72 -44.51
C LYS E 210 23.35 28.47 -43.81
N SER E 211 24.27 29.43 -43.89
CA SER E 211 25.65 29.20 -43.44
C SER E 211 26.16 30.39 -42.64
N PHE E 212 27.35 30.23 -42.09
CA PHE E 212 28.01 31.32 -41.40
C PHE E 212 29.52 31.07 -41.34
N ASN E 213 30.27 32.15 -41.22
CA ASN E 213 31.71 32.11 -40.96
C ASN E 213 31.95 32.45 -39.49
N ARG E 214 32.66 31.56 -38.80
CA ARG E 214 33.01 31.73 -37.39
C ARG E 214 33.69 33.07 -37.11
N GLY E 215 32.96 33.98 -36.47
CA GLY E 215 33.49 35.28 -36.09
C GLY E 215 32.72 36.44 -36.68
N GLU E 216 31.59 36.17 -37.35
CA GLU E 216 30.68 37.15 -37.97
C GLU E 216 31.41 38.29 -38.68
N THR F 11 -42.54 -26.98 -15.86
CA THR F 11 -41.14 -26.58 -16.08
C THR F 11 -40.24 -27.09 -14.93
N GLN F 12 -38.93 -26.96 -15.14
CA GLN F 12 -37.85 -27.38 -14.24
C GLN F 12 -37.75 -28.90 -14.07
N PRO F 13 -37.57 -29.67 -15.15
CA PRO F 13 -37.29 -31.10 -14.98
C PRO F 13 -35.89 -31.39 -14.49
N TRP F 14 -35.12 -30.36 -14.16
CA TRP F 14 -33.76 -30.48 -13.66
C TRP F 14 -33.63 -29.99 -12.23
N GLN F 15 -34.67 -29.36 -11.70
CA GLN F 15 -34.69 -28.92 -10.31
C GLN F 15 -34.50 -30.11 -9.39
N ALA F 16 -33.88 -29.87 -8.24
CA ALA F 16 -33.74 -30.94 -7.26
C ALA F 16 -33.51 -30.32 -5.89
N ALA F 17 -33.79 -31.11 -4.85
CA ALA F 17 -33.56 -30.65 -3.49
C ALA F 17 -32.78 -31.69 -2.71
N LEU F 18 -31.92 -31.21 -1.81
CA LEU F 18 -31.17 -32.07 -0.92
C LEU F 18 -31.94 -32.27 0.38
N LEU F 19 -31.69 -33.40 1.02
CA LEU F 19 -32.58 -33.97 2.02
C LEU F 19 -31.77 -34.12 3.30
N LEU F 20 -32.04 -33.14 4.16
CA LEU F 20 -31.75 -33.05 5.57
C LEU F 20 -32.63 -34.01 6.35
N ARG F 21 -32.47 -35.30 6.07
CA ARG F 21 -33.26 -36.35 6.74
C ARG F 21 -34.75 -36.05 6.73
N GLY F 28 -30.89 -26.07 -3.07
CA GLY F 28 -31.21 -26.47 -4.43
C GLY F 28 -30.12 -27.25 -5.14
N ALA F 29 -30.48 -27.90 -6.25
CA ALA F 29 -29.53 -28.59 -7.10
C ALA F 29 -30.11 -28.73 -8.49
N VAL F 30 -29.26 -29.06 -9.46
CA VAL F 30 -29.67 -29.20 -10.85
C VAL F 30 -29.03 -30.46 -11.44
N LEU F 31 -29.79 -31.17 -12.25
CA LEU F 31 -29.26 -32.31 -12.99
C LEU F 31 -28.59 -31.79 -14.26
N VAL F 32 -27.27 -31.92 -14.34
CA VAL F 32 -26.51 -31.43 -15.48
C VAL F 32 -26.10 -32.53 -16.45
N HIS F 33 -26.13 -33.78 -16.01
CA HIS F 33 -25.85 -34.93 -16.85
C HIS F 33 -26.56 -36.13 -16.24
N PRO F 34 -26.83 -37.19 -17.01
CA PRO F 34 -27.65 -38.31 -16.49
C PRO F 34 -27.31 -38.79 -15.09
N GLN F 35 -26.05 -38.72 -14.66
CA GLN F 35 -25.70 -39.24 -13.36
C GLN F 35 -25.20 -38.18 -12.39
N TRP F 36 -25.25 -36.90 -12.78
CA TRP F 36 -24.52 -35.85 -12.09
C TRP F 36 -25.43 -34.68 -11.74
N LEU F 37 -25.37 -34.21 -10.51
CA LEU F 37 -25.97 -32.95 -10.12
C LEU F 37 -24.88 -31.93 -9.81
N LEU F 38 -25.32 -30.69 -9.67
CA LEU F 38 -24.45 -29.55 -9.44
C LEU F 38 -25.12 -28.62 -8.43
N THR F 39 -24.31 -28.02 -7.56
CA THR F 39 -24.82 -27.19 -6.48
C THR F 39 -23.71 -26.29 -5.96
N ALA F 40 -24.03 -25.47 -4.96
CA ALA F 40 -23.08 -24.53 -4.38
C ALA F 40 -22.17 -25.23 -3.36
N ALA F 41 -21.09 -24.53 -2.99
CA ALA F 41 -20.20 -25.05 -1.94
C ALA F 41 -20.87 -25.01 -0.59
N HIS F 42 -21.19 -23.81 -0.11
CA HIS F 42 -21.57 -23.58 1.27
C HIS F 42 -22.88 -24.27 1.62
N PHE F 48 -26.74 -36.95 3.58
CA PHE F 48 -27.95 -36.37 2.99
C PHE F 48 -28.56 -37.28 1.90
N ARG F 49 -29.71 -36.88 1.35
CA ARG F 49 -30.36 -37.65 0.28
C ARG F 49 -31.08 -36.71 -0.67
N VAL F 50 -31.06 -36.98 -1.97
CA VAL F 50 -31.62 -36.06 -2.96
C VAL F 50 -32.96 -36.56 -3.49
N ARG F 51 -33.92 -35.62 -3.54
CA ARG F 51 -35.20 -35.80 -4.22
C ARG F 51 -35.17 -35.09 -5.58
N LEU F 52 -35.57 -35.84 -6.61
CA LEU F 52 -35.64 -35.42 -8.00
C LEU F 52 -37.04 -35.68 -8.53
N GLY F 64 -39.81 -34.89 -7.36
CA GLY F 64 -40.22 -35.91 -8.32
C GLY F 64 -40.08 -37.28 -7.71
N GLN F 65 -40.07 -38.32 -8.54
CA GLN F 65 -40.36 -39.65 -8.03
C GLN F 65 -39.12 -40.45 -7.66
N GLN F 66 -37.91 -39.95 -7.94
CA GLN F 66 -36.72 -40.71 -7.59
C GLN F 66 -36.27 -40.39 -6.16
N MET F 67 -35.67 -41.40 -5.51
CA MET F 67 -34.84 -41.21 -4.32
C MET F 67 -33.39 -41.57 -4.60
N PHE F 68 -32.47 -40.70 -4.21
CA PHE F 68 -31.09 -41.07 -4.47
C PHE F 68 -30.18 -40.60 -3.35
N GLN F 69 -29.09 -41.32 -3.16
CA GLN F 69 -28.10 -40.98 -2.15
C GLN F 69 -26.82 -40.46 -2.81
N GLY F 70 -26.17 -39.51 -2.15
CA GLY F 70 -24.90 -39.02 -2.66
C GLY F 70 -23.83 -40.10 -2.68
N VAL F 71 -23.17 -40.29 -3.83
CA VAL F 71 -22.12 -41.30 -3.90
C VAL F 71 -20.75 -40.65 -3.85
N LYS F 72 -20.69 -39.38 -4.23
CA LYS F 72 -19.41 -38.73 -4.43
C LYS F 72 -19.63 -37.24 -4.52
N SER F 73 -18.89 -36.48 -3.70
CA SER F 73 -18.80 -35.04 -3.79
C SER F 73 -17.34 -34.63 -3.88
N ILE F 74 -17.08 -33.53 -4.56
CA ILE F 74 -15.70 -33.09 -4.77
C ILE F 74 -15.27 -32.09 -3.70
N HIS F 84 -13.28 -27.46 -6.87
CA HIS F 84 -13.19 -26.00 -6.75
C HIS F 84 -13.34 -25.53 -5.30
N SER F 85 -12.79 -24.35 -5.01
CA SER F 85 -13.03 -23.71 -3.73
C SER F 85 -14.27 -22.82 -3.77
N ASN F 86 -14.41 -22.02 -4.83
CA ASN F 86 -15.50 -21.04 -4.98
C ASN F 86 -16.73 -21.74 -5.53
N ASP F 87 -17.46 -22.39 -4.62
CA ASP F 87 -18.76 -23.02 -4.92
C ASP F 87 -18.56 -24.14 -5.94
N LEU F 88 -19.60 -24.47 -6.71
CA LEU F 88 -19.55 -25.51 -7.73
C LEU F 88 -19.08 -26.85 -7.14
N MET F 89 -19.97 -27.43 -6.34
CA MET F 89 -19.85 -28.80 -5.88
C MET F 89 -20.70 -29.70 -6.76
N LEU F 90 -20.15 -30.84 -7.14
CA LEU F 90 -20.89 -31.80 -7.95
C LEU F 90 -21.12 -33.08 -7.16
N ILE F 91 -22.33 -33.60 -7.26
CA ILE F 91 -22.72 -34.86 -6.64
C ILE F 91 -22.94 -35.88 -7.73
N LYS F 92 -22.22 -36.99 -7.65
CA LYS F 92 -22.55 -38.15 -8.48
C LYS F 92 -23.62 -38.96 -7.75
N LEU F 93 -24.45 -39.66 -8.52
CA LEU F 93 -25.62 -40.33 -7.98
C LEU F 93 -25.52 -41.84 -8.15
N ASN F 94 -26.26 -42.55 -7.26
CA ASN F 94 -26.11 -43.99 -7.13
C ASN F 94 -26.24 -44.65 -8.48
N ARG F 95 -26.99 -44.01 -9.38
CA ARG F 95 -27.15 -44.58 -10.70
C ARG F 95 -27.87 -43.55 -11.59
N ARG F 96 -28.09 -43.93 -12.85
CA ARG F 96 -28.27 -43.01 -13.97
C ARG F 96 -29.73 -42.88 -14.37
N ILE F 97 -30.27 -41.66 -14.28
CA ILE F 97 -31.66 -41.44 -14.64
C ILE F 97 -31.82 -41.46 -16.16
N ARG F 98 -32.83 -42.19 -16.67
CA ARG F 98 -33.20 -42.14 -18.10
C ARG F 98 -34.24 -41.00 -18.19
N PRO F 99 -34.04 -40.02 -19.10
CA PRO F 99 -34.87 -38.81 -19.18
C PRO F 99 -36.35 -39.11 -19.39
N THR F 100 -37.19 -38.44 -18.62
CA THR F 100 -38.64 -38.46 -18.74
C THR F 100 -39.11 -37.09 -19.22
N LYS F 101 -40.35 -36.73 -18.91
CA LYS F 101 -40.88 -35.40 -19.15
C LYS F 101 -40.90 -34.55 -17.89
N ASP F 102 -40.91 -35.18 -16.72
CA ASP F 102 -40.77 -34.50 -15.44
C ASP F 102 -39.36 -34.59 -14.89
N VAL F 103 -38.47 -35.30 -15.59
CA VAL F 103 -37.07 -35.46 -15.21
C VAL F 103 -36.24 -35.51 -16.48
N ARG F 104 -35.33 -34.55 -16.65
CA ARG F 104 -34.31 -34.62 -17.69
C ARG F 104 -33.19 -33.64 -17.33
N PRO F 105 -31.95 -33.94 -17.68
CA PRO F 105 -30.84 -33.03 -17.37
C PRO F 105 -30.82 -31.82 -18.29
N ILE F 106 -30.47 -30.67 -17.73
CA ILE F 106 -30.12 -29.48 -18.52
C ILE F 106 -28.63 -29.51 -18.76
N ASN F 107 -28.19 -28.90 -19.85
CA ASN F 107 -26.77 -28.83 -20.14
C ASN F 107 -26.23 -27.47 -19.75
N VAL F 108 -24.95 -27.44 -19.39
CA VAL F 108 -24.30 -26.24 -18.91
C VAL F 108 -23.62 -25.55 -20.08
N SER F 109 -24.04 -24.31 -20.36
CA SER F 109 -23.59 -23.63 -21.55
C SER F 109 -22.18 -23.09 -21.36
N SER F 110 -21.42 -23.11 -22.46
CA SER F 110 -20.12 -22.43 -22.48
C SER F 110 -20.29 -20.94 -22.71
N HIS F 111 -21.36 -20.54 -23.39
CA HIS F 111 -21.56 -19.14 -23.73
C HIS F 111 -21.70 -18.30 -22.48
N CYS F 112 -21.11 -17.12 -22.52
CA CYS F 112 -21.34 -16.49 -21.23
C CYS F 112 -22.44 -15.44 -21.34
N PRO F 113 -23.33 -15.36 -20.35
CA PRO F 113 -24.44 -14.40 -20.45
C PRO F 113 -23.93 -12.97 -20.55
N SER F 114 -24.57 -12.18 -21.40
CA SER F 114 -24.16 -10.82 -21.67
C SER F 114 -25.16 -9.85 -21.04
N ALA F 115 -24.71 -8.62 -20.81
CA ALA F 115 -25.57 -7.62 -20.19
C ALA F 115 -26.80 -7.37 -21.05
N GLY F 116 -27.96 -7.30 -20.41
CA GLY F 116 -29.23 -7.18 -21.07
C GLY F 116 -29.96 -8.51 -21.20
N THR F 117 -29.25 -9.63 -21.16
CA THR F 117 -29.91 -10.92 -21.18
C THR F 117 -30.91 -11.03 -20.04
N LYS F 118 -32.12 -11.47 -20.37
CA LYS F 118 -33.12 -11.76 -19.37
C LYS F 118 -32.98 -13.22 -18.95
N CYS F 119 -33.07 -13.45 -17.66
CA CYS F 119 -32.92 -14.79 -17.10
C CYS F 119 -34.00 -15.08 -16.06
N LEU F 120 -34.09 -16.35 -15.69
CA LEU F 120 -35.04 -16.80 -14.69
C LEU F 120 -34.29 -17.56 -13.61
N VAL F 121 -34.53 -17.19 -12.35
CA VAL F 121 -33.96 -17.87 -11.20
C VAL F 121 -35.08 -18.55 -10.43
N SER F 122 -34.90 -19.84 -10.13
CA SER F 122 -35.91 -20.64 -9.47
C SER F 122 -35.37 -21.18 -8.15
N CYS F 140 -39.11 -18.45 -8.50
CA CYS F 140 -39.50 -17.93 -9.80
C CYS F 140 -39.38 -16.41 -9.87
N LEU F 141 -38.20 -15.90 -10.23
CA LEU F 141 -37.98 -14.46 -10.37
C LEU F 141 -37.23 -14.14 -11.65
N ASN F 142 -37.71 -13.10 -12.35
CA ASN F 142 -37.11 -12.58 -13.58
C ASN F 142 -36.00 -11.59 -13.23
N ILE F 143 -34.83 -11.75 -13.86
CA ILE F 143 -33.70 -10.85 -13.63
C ILE F 143 -33.06 -10.48 -14.97
N SER F 144 -32.33 -9.36 -14.97
CA SER F 144 -31.62 -8.92 -16.17
C SER F 144 -30.16 -8.62 -15.86
N VAL F 145 -29.26 -9.18 -16.68
CA VAL F 145 -27.82 -9.08 -16.44
C VAL F 145 -27.35 -7.64 -16.60
N LEU F 146 -26.37 -7.25 -15.79
CA LEU F 146 -25.81 -5.92 -15.76
C LEU F 146 -24.31 -6.00 -15.96
N SER F 147 -23.68 -4.84 -16.17
CA SER F 147 -22.22 -4.84 -16.20
C SER F 147 -21.67 -5.26 -14.84
N GLN F 148 -20.44 -5.77 -14.86
CA GLN F 148 -19.74 -6.16 -13.65
C GLN F 148 -19.54 -4.98 -12.71
N LYS F 149 -19.27 -3.79 -13.26
CA LYS F 149 -18.98 -2.63 -12.42
C LYS F 149 -20.19 -2.14 -11.64
N ARG F 150 -21.42 -2.44 -12.07
CA ARG F 150 -22.55 -2.08 -11.23
C ARG F 150 -22.49 -2.85 -9.92
N CYS F 151 -22.05 -4.11 -9.97
CA CYS F 151 -21.89 -4.87 -8.73
C CYS F 151 -20.64 -4.44 -7.99
N GLU F 152 -19.53 -4.19 -8.70
CA GLU F 152 -18.30 -3.78 -8.03
C GLU F 152 -18.49 -2.50 -7.21
N ASP F 153 -19.22 -1.54 -7.78
CA ASP F 153 -19.46 -0.26 -7.12
C ASP F 153 -20.46 -0.34 -5.96
N ALA F 154 -21.19 -1.45 -5.87
CA ALA F 154 -22.17 -1.64 -4.82
C ALA F 154 -21.71 -2.57 -3.70
N TYR F 155 -20.78 -3.46 -3.97
CA TYR F 155 -20.55 -4.50 -3.01
C TYR F 155 -19.34 -4.17 -2.13
N PRO F 156 -19.27 -4.75 -0.93
CA PRO F 156 -18.16 -4.48 0.00
C PRO F 156 -17.00 -5.46 -0.11
N ARG F 157 -17.07 -6.38 -1.07
CA ARG F 157 -15.97 -7.26 -1.40
C ARG F 157 -15.69 -7.11 -2.87
N GLN F 158 -14.50 -7.53 -3.26
CA GLN F 158 -14.17 -7.62 -4.66
C GLN F 158 -15.13 -8.58 -5.36
N ILE F 159 -15.63 -8.16 -6.51
CA ILE F 159 -16.44 -9.00 -7.38
C ILE F 159 -15.53 -9.57 -8.46
N ASP F 160 -15.73 -10.82 -8.82
CA ASP F 160 -14.77 -11.56 -9.60
C ASP F 160 -15.40 -12.02 -10.92
N ASP F 161 -14.53 -12.38 -11.87
CA ASP F 161 -14.94 -12.91 -13.17
C ASP F 161 -15.76 -14.19 -13.01
N THR F 162 -15.55 -14.91 -11.91
CA THR F 162 -16.33 -16.08 -11.53
C THR F 162 -17.79 -15.77 -11.32
N MET F 163 -18.15 -14.51 -11.13
CA MET F 163 -19.54 -14.13 -10.92
C MET F 163 -20.04 -13.25 -12.06
N PHE F 164 -21.36 -13.11 -12.11
CA PHE F 164 -22.01 -12.14 -12.95
C PHE F 164 -23.05 -11.39 -12.13
N CYS F 165 -23.32 -10.16 -12.56
CA CYS F 165 -24.17 -9.17 -11.91
C CYS F 165 -25.52 -9.13 -12.60
N ALA F 166 -26.60 -8.97 -11.84
CA ALA F 166 -27.93 -8.90 -12.42
C ALA F 166 -28.84 -8.09 -11.50
N GLY F 167 -29.98 -7.69 -12.04
CA GLY F 167 -30.84 -6.73 -11.37
C GLY F 167 -32.31 -7.04 -11.55
N ASP F 168 -33.10 -6.47 -10.61
CA ASP F 168 -34.56 -6.56 -10.49
C ASP F 168 -35.03 -7.90 -9.95
N GLY F 181 -29.61 -23.01 -6.29
CA GLY F 181 -30.67 -22.65 -7.23
C GLY F 181 -30.16 -22.26 -8.61
N PRO F 182 -30.88 -22.69 -9.65
CA PRO F 182 -30.42 -22.45 -11.02
C PRO F 182 -30.73 -21.04 -11.49
N VAL F 183 -29.96 -20.61 -12.49
CA VAL F 183 -30.23 -19.40 -13.24
C VAL F 183 -30.12 -19.79 -14.71
N VAL F 184 -31.27 -19.83 -15.38
CA VAL F 184 -31.34 -20.27 -16.78
C VAL F 184 -31.67 -19.06 -17.65
N CYS F 185 -30.88 -18.86 -18.68
CA CYS F 185 -31.06 -17.76 -19.60
C CYS F 185 -31.18 -18.31 -21.01
N ASN F 186 -32.23 -17.90 -21.71
CA ASN F 186 -32.46 -18.32 -23.09
C ASN F 186 -32.38 -19.84 -23.24
N GLY F 187 -32.72 -20.56 -22.18
CA GLY F 187 -32.86 -22.01 -22.25
C GLY F 187 -31.68 -22.84 -21.80
N SER F 188 -30.72 -22.28 -21.07
CA SER F 188 -29.68 -23.14 -20.53
C SER F 188 -29.18 -22.62 -19.21
N LEU F 189 -28.69 -23.55 -18.40
CA LEU F 189 -28.10 -23.26 -17.11
C LEU F 189 -26.80 -22.49 -17.27
N GLN F 190 -26.84 -21.18 -17.06
CA GLN F 190 -25.62 -20.40 -17.16
C GLN F 190 -25.18 -19.82 -15.83
N GLY F 191 -26.07 -19.75 -14.82
CA GLY F 191 -25.67 -19.24 -13.53
C GLY F 191 -26.19 -20.11 -12.40
N LEU F 192 -25.65 -19.84 -11.22
CA LEU F 192 -26.13 -20.47 -9.98
C LEU F 192 -26.15 -19.44 -8.87
N VAL F 193 -27.15 -19.49 -7.99
CA VAL F 193 -27.23 -18.49 -6.94
C VAL F 193 -26.18 -18.76 -5.87
N SER F 194 -25.74 -17.68 -5.21
CA SER F 194 -24.73 -17.66 -4.13
C SER F 194 -23.97 -18.98 -3.88
N PRO F 203 -32.52 -6.32 -2.29
CA PRO F 203 -32.10 -5.64 -1.06
C PRO F 203 -31.63 -4.20 -1.32
N ASN F 204 -30.52 -3.82 -0.70
CA ASN F 204 -30.00 -2.47 -0.89
C ASN F 204 -29.32 -2.25 -2.24
N ARG F 205 -29.23 -3.28 -3.10
CA ARG F 205 -28.30 -3.27 -4.22
C ARG F 205 -28.60 -4.38 -5.24
N PRO F 206 -27.92 -4.38 -6.41
CA PRO F 206 -28.05 -5.51 -7.35
C PRO F 206 -27.53 -6.83 -6.80
N GLY F 207 -27.71 -7.91 -7.57
CA GLY F 207 -27.43 -9.25 -7.07
C GLY F 207 -26.37 -9.95 -7.91
N VAL F 208 -25.81 -11.01 -7.32
CA VAL F 208 -24.62 -11.66 -7.85
C VAL F 208 -24.86 -13.17 -7.92
N TYR F 209 -24.27 -13.81 -8.91
CA TYR F 209 -24.52 -15.21 -9.21
C TYR F 209 -23.25 -15.79 -9.81
N THR F 210 -23.07 -17.10 -9.67
CA THR F 210 -21.91 -17.76 -10.24
C THR F 210 -22.10 -17.93 -11.75
N ASN F 211 -21.10 -17.49 -12.52
CA ASN F 211 -21.03 -17.47 -13.98
C ASN F 211 -20.52 -18.82 -14.47
N LEU F 212 -21.44 -19.71 -14.86
CA LEU F 212 -21.07 -21.10 -15.04
C LEU F 212 -20.18 -21.30 -16.26
N CYS F 213 -20.26 -20.40 -17.22
CA CYS F 213 -19.44 -20.45 -18.44
C CYS F 213 -17.98 -20.62 -18.07
N LYS F 214 -17.57 -20.09 -16.91
CA LYS F 214 -16.19 -20.14 -16.47
C LYS F 214 -15.79 -21.48 -15.85
N PHE F 215 -16.72 -22.41 -15.66
CA PHE F 215 -16.47 -23.63 -14.90
C PHE F 215 -16.63 -24.90 -15.73
N THR F 216 -17.01 -24.78 -17.00
CA THR F 216 -17.47 -25.94 -17.71
C THR F 216 -16.33 -26.91 -18.04
N LYS F 217 -15.12 -26.39 -18.29
CA LYS F 217 -13.98 -27.28 -18.46
C LYS F 217 -13.74 -28.11 -17.20
N TRP F 218 -13.78 -27.46 -16.05
CA TRP F 218 -13.54 -28.18 -14.80
C TRP F 218 -14.64 -29.19 -14.53
N ILE F 219 -15.89 -28.86 -14.85
CA ILE F 219 -16.98 -29.81 -14.63
C ILE F 219 -16.79 -31.03 -15.53
N GLN F 220 -16.52 -30.81 -16.82
CA GLN F 220 -16.28 -31.93 -17.73
C GLN F 220 -15.15 -32.83 -17.24
N GLU F 221 -14.03 -32.22 -16.80
CA GLU F 221 -12.86 -33.04 -16.51
C GLU F 221 -12.99 -33.71 -15.13
N THR F 222 -13.64 -33.07 -14.15
CA THR F 222 -13.97 -33.77 -12.93
C THR F 222 -14.88 -34.97 -13.20
N ILE F 223 -15.87 -34.80 -14.08
CA ILE F 223 -16.79 -35.89 -14.41
C ILE F 223 -16.06 -37.01 -15.11
N GLN F 224 -15.38 -36.69 -16.22
CA GLN F 224 -14.56 -37.65 -16.95
C GLN F 224 -13.53 -38.33 -16.04
N ALA F 225 -13.17 -37.71 -14.92
CA ALA F 225 -12.27 -38.33 -13.96
C ALA F 225 -12.99 -39.22 -12.96
N ASN F 226 -14.31 -39.11 -12.82
CA ASN F 226 -15.05 -40.09 -12.02
C ASN F 226 -16.19 -40.72 -12.82
N SER F 227 -16.02 -40.86 -14.13
CA SER F 227 -17.11 -41.35 -14.99
C SER F 227 -17.19 -42.88 -15.03
#